data_9DWL
#
_entry.id   9DWL
#
_cell.length_a   1.00
_cell.length_b   1.00
_cell.length_c   1.00
_cell.angle_alpha   90.00
_cell.angle_beta   90.00
_cell.angle_gamma   90.00
#
_symmetry.space_group_name_H-M   'P 1'
#
loop_
_entity.id
_entity.type
_entity.pdbx_description
1 polymer 'Histone H3.2'
2 polymer 'Histone H4'
3 polymer 'Histone H2A type 1'
4 polymer 'Histone H2B type 1-C/E/F/G/I'
5 polymer '601 I strand (damaged strand 1)'
6 polymer '601 J strand (non-damaged strand)'
7 polymer '601 K strand (damaged strand 2)'
#
loop_
_entity_poly.entity_id
_entity_poly.type
_entity_poly.pdbx_seq_one_letter_code
_entity_poly.pdbx_strand_id
1 'polypeptide(L)'
;ARTKQTARKSTGGKAPRKQLATKAARKSAPATGGVKKPHRYRPGTVALREIRRYQKSTELLIRKLPFQRLVREIAQDFKT
DLRFQSSAVMALQEASEAYLVGLFEDTNLAAIHAKRVTIMPKDIQLARRIRGERA
;
A,E
2 'polypeptide(L)'
;SGRGKGGKGLGKGGAKRHRKVLRDNIQGITKPAIRRLARRGGVKRISGLIYEETRGVLKVFLENVIRDAVTYTEHAKRKT
VTAMDVVYALKRQGRTLYGFGG
;
B,F
3 'polypeptide(L)'
;SGRGKQGGKARAKAKTRSSRAGLQFPVGRVHRLLRKGNYAERVGAGAPVYLAAVLEYLTAEILELAGNAARDNKKTRIIP
RHLQLAIRNDEELNKLLGKVTIAQGGVLPNIQAVLLPKKTESHHKAKGK
;
C,G
4 'polypeptide(L)'
;PEPAKSAPAPKKGSKKAVTKAQKKDGKKRKRSRKESYSVYVYKVLKQVHPDTGISSKAMGIMNSFVNDIFERIAGEASRL
AHYNKRSTITSREIQTAVRLLLPGELAKHAVSEGTKAVTKYTSSK
;
D,H
5 'polydeoxyribonucleotide'
;(DA)(DT)(DC)(DG)(DA)(DG)(DA)(DA)(DT)(DC)(DC)(DC)(DG)(DG)(DT)(DG)(DC)(DC)(DG)(DA)
(DG)(DG)(DC)(DC)(DG)(DC)(DT)(DC)(DA)(DA)(DT)(DT)(DG)(DG)(DT)(DC)(DG)(DT)(DA)(DG)
(DA)(DC)(DA)(DG)(DC)(DT)(DC)(DT)(DA)(DG)(DC)(DA)(DC)(DC)(DG)(DC)(DT)(DT)(DA)(DA)
(DA)(DC)(DG)(DC)(DA)(DC)(DG)(DT)(DA)(DC)(DG)(DC)(DG)(DC)(DT)(DG)(DT)(DC)(DC)(DC)
(DC)(DC)(DG)(DC)(DG)(DT)(DT)(DT)(DT)(DA)(DA)(DC)(DC)(DG)(DC)(DC)(DA)(DA)(DG)(DG)
(DG)(DG)(DA)(DT)(DT)(DA)(DC)(DT)(DC)(DC)(DC)(DT)(DA)(DG)(DT)(DC)(DT)(DC)(DC)(DA)
(DG)(DG)(DC)(DA)(DC)(DG)(DT)
;
I
6 'polydeoxyribonucleotide'
;(DA)(DT)(DC)(DG)(DG)(DA)(DT)(DG)(DT)(DA)(DT)(DA)(DT)(DA)(DT)(DC)(DT)(DG)(DA)(DC)
(DA)(DC)(DG)(DT)(DG)(DC)(DC)(DT)(DG)(DG)(DA)(DG)(DA)(DC)(DT)(DA)(DG)(DG)(DG)(DA)
(DG)(DT)(DA)(DA)(DT)(DC)(DC)(DC)(DC)(DT)(DT)(DG)(DG)(DC)(DG)(DG)(DT)(DT)(DA)(DA)
(DA)(DA)(DC)(DG)(DC)(DG)(DG)(DG)(DG)(DG)(DA)(DC)(DA)(DG)(DC)(DG)(DC)(DG)(DT)(DA)
(DC)(DG)(DT)(DG)(DC)(DG)(DT)(DT)(DT)(DA)(DA)(DG)(DC)(DG)(DG)(DT)(DG)(DC)(DT)(DA)
(DG)(DA)(DG)(DC)(DT)(DG)(DT)(DC)(DT)(DA)(DC)(DG)(DA)(DC)(DC)(DA)(DA)(DT)(DT)(DG)
(DA)(DG)(DC)(DG)(DG)(DC)(DC)(DT)(DC)(DG)(DG)(DC)(DA)(DC)(DC)(DG)(DG)(DG)(DA)(DT)
(DT)(DC)(DT)(DC)(DG)(DA)(DT)
;
J
7 'polydeoxyribonucleotide' (DT)(DC)(DA)(DG)(DA)(DT)(DA)(DT)(DA)(DT)(DC)(DC)(DA)(DT)(DC)(DC)(DG)(DA)(DT) K
#
loop_
_chem_comp.id
_chem_comp.type
_chem_comp.name
_chem_comp.formula
DA DNA linking 2'-DEOXYADENOSINE-5'-MONOPHOSPHATE 'C10 H14 N5 O6 P'
DC DNA linking 2'-DEOXYCYTIDINE-5'-MONOPHOSPHATE 'C9 H14 N3 O7 P'
DG DNA linking 2'-DEOXYGUANOSINE-5'-MONOPHOSPHATE 'C10 H14 N5 O7 P'
DT DNA linking THYMIDINE-5'-MONOPHOSPHATE 'C10 H15 N2 O8 P'
#
# COMPACT_ATOMS: atom_id res chain seq x y z
N PRO A 38 22.74 -12.85 48.72
CA PRO A 38 21.91 -12.38 49.82
C PRO A 38 20.41 -12.25 49.53
N HIS A 39 19.99 -11.00 49.32
CA HIS A 39 18.58 -10.77 48.91
C HIS A 39 18.53 -11.22 47.45
N ARG A 40 17.85 -12.32 47.19
CA ARG A 40 17.81 -12.94 45.88
C ARG A 40 16.47 -12.46 45.36
N TYR A 41 16.50 -11.72 44.24
CA TYR A 41 15.26 -11.16 43.63
C TYR A 41 14.43 -12.25 43.01
N ARG A 42 13.11 -12.24 43.25
CA ARG A 42 12.22 -13.19 42.59
C ARG A 42 12.22 -12.94 41.09
N PRO A 43 12.34 -13.98 40.26
CA PRO A 43 12.40 -13.77 38.81
C PRO A 43 11.14 -13.15 38.27
N GLY A 44 11.31 -12.28 37.26
CA GLY A 44 10.21 -11.60 36.60
C GLY A 44 10.12 -10.12 36.94
N THR A 45 10.47 -9.75 38.17
CA THR A 45 10.38 -8.36 38.58
C THR A 45 11.42 -7.50 37.86
N VAL A 46 12.66 -7.98 37.77
CA VAL A 46 13.64 -7.29 36.97
C VAL A 46 13.26 -7.36 35.49
N ALA A 47 12.69 -8.49 35.06
CA ALA A 47 12.18 -8.59 33.70
C ALA A 47 11.03 -7.62 33.47
N LEU A 48 10.17 -7.44 34.48
CA LEU A 48 9.12 -6.43 34.37
C LEU A 48 9.73 -5.04 34.30
N ARG A 49 10.84 -4.83 34.98
CA ARG A 49 11.59 -3.59 34.85
C ARG A 49 12.26 -3.59 33.48
N GLU A 50 12.86 -2.45 33.11
CA GLU A 50 13.53 -2.19 31.84
C GLU A 50 12.54 -1.94 30.73
N ILE A 51 11.24 -2.07 31.01
CA ILE A 51 10.27 -1.51 30.09
C ILE A 51 10.17 0.00 30.25
N ARG A 52 10.26 0.50 31.48
CA ARG A 52 10.18 1.93 31.71
C ARG A 52 11.35 2.65 31.06
N ARG A 53 12.57 2.15 31.24
CA ARG A 53 13.74 2.84 30.69
C ARG A 53 13.89 2.63 29.19
N TYR A 54 13.52 1.47 28.67
CA TYR A 54 13.66 1.21 27.24
C TYR A 54 12.46 1.67 26.43
N GLN A 55 11.41 2.18 27.07
CA GLN A 55 10.36 2.87 26.34
C GLN A 55 10.52 4.37 26.35
N LYS A 56 11.31 4.92 27.28
CA LYS A 56 11.62 6.34 27.24
C LYS A 56 12.92 6.65 26.53
N SER A 57 13.80 5.66 26.37
CA SER A 57 15.05 5.90 25.68
C SER A 57 14.81 6.00 24.17
N THR A 58 15.77 6.61 23.47
CA THR A 58 15.70 6.78 22.02
C THR A 58 16.99 6.34 21.35
N GLU A 59 17.78 5.49 22.00
CA GLU A 59 19.08 5.08 21.48
C GLU A 59 18.85 4.02 20.40
N LEU A 60 19.94 3.61 19.74
CA LEU A 60 19.87 2.65 18.64
C LEU A 60 19.86 1.21 19.10
N LEU A 61 20.44 0.92 20.27
CA LEU A 61 20.45 -0.40 20.90
C LEU A 61 21.23 -1.45 20.12
N ILE A 62 21.80 -1.09 18.97
CA ILE A 62 22.53 -2.03 18.13
C ILE A 62 23.89 -1.42 17.81
N ARG A 63 24.92 -2.25 17.96
CA ARG A 63 26.31 -1.79 17.71
C ARG A 63 26.44 -1.25 16.28
N LYS A 64 27.39 -0.33 16.08
CA LYS A 64 27.56 0.30 14.78
C LYS A 64 28.43 -0.52 13.84
N LEU A 65 29.64 -0.87 14.28
CA LEU A 65 30.58 -1.56 13.40
C LEU A 65 30.10 -2.93 12.92
N PRO A 66 29.57 -3.82 13.78
CA PRO A 66 29.06 -5.10 13.24
C PRO A 66 27.95 -4.90 12.24
N PHE A 67 27.08 -3.91 12.48
CA PHE A 67 26.01 -3.63 11.54
C PHE A 67 26.55 -3.16 10.20
N GLN A 68 27.54 -2.27 10.22
CA GLN A 68 28.11 -1.78 8.97
C GLN A 68 28.82 -2.90 8.21
N ARG A 69 29.51 -3.77 8.94
CA ARG A 69 30.16 -4.91 8.30
C ARG A 69 29.13 -5.84 7.67
N LEU A 70 28.01 -6.06 8.35
CA LEU A 70 26.96 -6.90 7.79
C LEU A 70 26.36 -6.27 6.54
N VAL A 71 26.14 -4.95 6.56
CA VAL A 71 25.60 -4.27 5.40
C VAL A 71 26.54 -4.41 4.22
N ARG A 72 27.84 -4.20 4.44
CA ARG A 72 28.81 -4.35 3.37
C ARG A 72 28.85 -5.79 2.87
N GLU A 73 28.72 -6.76 3.77
CA GLU A 73 28.72 -8.16 3.36
C GLU A 73 27.54 -8.47 2.46
N ILE A 74 26.35 -7.98 2.82
CA ILE A 74 25.17 -8.20 1.99
C ILE A 74 25.33 -7.50 0.64
N ALA A 75 25.83 -6.26 0.65
CA ALA A 75 26.00 -5.53 -0.60
C ALA A 75 27.08 -6.10 -1.48
N GLN A 76 28.00 -6.88 -0.92
CA GLN A 76 29.06 -7.48 -1.73
C GLN A 76 28.51 -8.42 -2.79
N ASP A 77 27.38 -9.07 -2.50
CA ASP A 77 26.84 -10.06 -3.43
C ASP A 77 26.36 -9.41 -4.72
N PHE A 78 25.64 -8.29 -4.62
CA PHE A 78 24.97 -7.75 -5.79
C PHE A 78 25.94 -7.04 -6.72
N LYS A 79 26.88 -6.30 -6.14
CA LYS A 79 27.88 -5.58 -6.95
C LYS A 79 29.14 -5.40 -6.10
N THR A 80 30.31 -5.72 -6.67
CA THR A 80 31.55 -5.58 -5.92
C THR A 80 32.04 -4.14 -5.99
N ASP A 81 32.91 -3.79 -5.02
CA ASP A 81 33.62 -2.52 -4.98
C ASP A 81 32.66 -1.33 -4.92
N LEU A 82 31.91 -1.26 -3.82
CA LEU A 82 31.00 -0.16 -3.56
C LEU A 82 31.46 0.63 -2.34
N ARG A 83 31.04 1.89 -2.28
CA ARG A 83 31.29 2.75 -1.13
C ARG A 83 29.96 3.23 -0.57
N PHE A 84 29.90 3.42 0.74
CA PHE A 84 28.66 3.70 1.44
C PHE A 84 28.73 5.03 2.16
N GLN A 85 27.70 5.85 1.99
CA GLN A 85 27.55 7.06 2.77
C GLN A 85 27.17 6.72 4.21
N SER A 86 27.73 7.49 5.15
CA SER A 86 27.46 7.24 6.56
C SER A 86 26.00 7.49 6.90
N SER A 87 25.41 8.55 6.34
CA SER A 87 24.01 8.85 6.60
C SER A 87 23.11 7.73 6.12
N ALA A 88 23.46 7.10 5.00
CA ALA A 88 22.69 5.96 4.52
C ALA A 88 22.72 4.82 5.53
N VAL A 89 23.89 4.56 6.11
CA VAL A 89 24.00 3.51 7.12
C VAL A 89 23.14 3.85 8.33
N MET A 90 23.17 5.10 8.77
CA MET A 90 22.35 5.49 9.92
C MET A 90 20.87 5.31 9.64
N ALA A 91 20.42 5.75 8.46
CA ALA A 91 19.01 5.62 8.11
C ALA A 91 18.59 4.16 8.01
N LEU A 92 19.47 3.35 7.41
CA LEU A 92 19.19 1.90 7.31
C LEU A 92 19.00 1.35 8.72
N GLN A 93 19.94 1.65 9.62
CA GLN A 93 19.84 1.13 10.98
C GLN A 93 18.53 1.53 11.64
N GLU A 94 18.13 2.79 11.46
CA GLU A 94 16.89 3.27 12.06
C GLU A 94 15.70 2.49 11.53
N ALA A 95 15.63 2.33 10.22
CA ALA A 95 14.50 1.62 9.62
C ALA A 95 14.45 0.17 10.09
N SER A 96 15.61 -0.49 10.12
CA SER A 96 15.65 -1.89 10.52
C SER A 96 15.19 -2.07 11.97
N GLU A 97 15.72 -1.25 12.88
CA GLU A 97 15.35 -1.42 14.29
C GLU A 97 13.87 -1.13 14.49
N ALA A 98 13.33 -0.11 13.80
CA ALA A 98 11.91 0.19 13.92
C ALA A 98 11.06 -0.98 13.44
N TYR A 99 11.46 -1.59 12.31
CA TYR A 99 10.71 -2.74 11.80
C TYR A 99 10.73 -3.90 12.77
N LEU A 100 11.88 -4.18 13.38
CA LEU A 100 11.94 -5.25 14.38
C LEU A 100 11.07 -4.93 15.59
N VAL A 101 11.07 -3.69 16.06
CA VAL A 101 10.22 -3.35 17.20
C VAL A 101 8.75 -3.58 16.87
N GLY A 102 8.32 -3.17 15.68
CA GLY A 102 6.94 -3.42 15.28
C GLY A 102 6.61 -4.90 15.24
N LEU A 103 7.51 -5.70 14.66
CA LEU A 103 7.25 -7.13 14.57
C LEU A 103 7.18 -7.76 15.95
N PHE A 104 8.05 -7.34 16.87
CA PHE A 104 8.00 -7.89 18.23
C PHE A 104 6.71 -7.51 18.94
N GLU A 105 6.24 -6.27 18.75
CA GLU A 105 4.95 -5.91 19.33
C GLU A 105 3.84 -6.81 18.81
N ASP A 106 3.83 -7.03 17.49
CA ASP A 106 2.80 -7.87 16.89
C ASP A 106 2.88 -9.30 17.42
N THR A 107 4.09 -9.85 17.54
CA THR A 107 4.19 -11.24 17.96
C THR A 107 3.89 -11.39 19.45
N ASN A 108 4.18 -10.37 20.25
CA ASN A 108 3.75 -10.40 21.65
C ASN A 108 2.24 -10.45 21.74
N LEU A 109 1.56 -9.61 20.94
CA LEU A 109 0.11 -9.63 20.96
C LEU A 109 -0.43 -10.97 20.48
N ALA A 110 0.26 -11.60 19.52
CA ALA A 110 -0.13 -12.94 19.10
C ALA A 110 0.06 -13.96 20.21
N ALA A 111 1.16 -13.86 20.96
CA ALA A 111 1.50 -14.90 21.93
C ALA A 111 0.63 -14.79 23.17
N ILE A 112 0.23 -13.57 23.55
CA ILE A 112 -0.62 -13.43 24.74
C ILE A 112 -1.98 -14.07 24.50
N HIS A 113 -2.35 -14.25 23.23
CA HIS A 113 -3.66 -14.82 22.90
C HIS A 113 -3.79 -16.27 23.37
N ALA A 114 -2.72 -17.05 23.23
CA ALA A 114 -2.77 -18.48 23.47
C ALA A 114 -2.59 -18.84 24.95
N LYS A 115 -2.86 -17.89 25.85
CA LYS A 115 -2.70 -18.08 27.30
C LYS A 115 -1.28 -18.52 27.63
N ARG A 116 -0.32 -17.77 27.09
CA ARG A 116 1.09 -18.02 27.31
C ARG A 116 1.80 -16.68 27.47
N VAL A 117 3.02 -16.73 27.99
CA VAL A 117 3.75 -15.51 28.33
C VAL A 117 5.05 -15.45 27.54
N THR A 118 5.56 -16.61 27.15
CA THR A 118 6.84 -16.69 26.45
C THR A 118 6.63 -16.69 24.95
N ILE A 119 7.57 -16.10 24.22
CA ILE A 119 7.52 -16.10 22.77
C ILE A 119 8.02 -17.44 22.24
N MET A 120 7.40 -17.90 21.17
CA MET A 120 7.72 -19.14 20.50
C MET A 120 7.78 -18.83 19.01
N PRO A 121 8.69 -19.47 18.25
CA PRO A 121 8.79 -19.15 16.82
C PRO A 121 7.53 -19.42 16.03
N LYS A 122 6.63 -20.27 16.53
CA LYS A 122 5.30 -20.37 15.92
C LYS A 122 4.61 -19.02 15.88
N ASP A 123 4.79 -18.21 16.93
CA ASP A 123 4.18 -16.89 16.96
C ASP A 123 4.76 -15.97 15.89
N ILE A 124 6.08 -16.02 15.69
CA ILE A 124 6.70 -15.23 14.65
C ILE A 124 6.18 -15.66 13.28
N GLN A 125 6.07 -16.96 13.07
CA GLN A 125 5.55 -17.47 11.80
C GLN A 125 4.10 -17.01 11.59
N LEU A 126 3.30 -17.04 12.64
CA LEU A 126 1.93 -16.54 12.58
C LEU A 126 1.90 -15.07 12.18
N ALA A 127 2.72 -14.25 12.83
CA ALA A 127 2.70 -12.81 12.59
C ALA A 127 3.11 -12.50 11.16
N ARG A 128 4.17 -13.14 10.67
CA ARG A 128 4.57 -12.88 9.29
C ARG A 128 3.59 -13.50 8.30
N ARG A 129 2.83 -14.51 8.73
CA ARG A 129 1.84 -15.11 7.85
C ARG A 129 0.65 -14.19 7.66
N ILE A 130 0.16 -13.58 8.74
CA ILE A 130 -1.08 -12.82 8.65
C ILE A 130 -0.89 -11.51 7.89
N ARG A 131 0.11 -10.70 8.29
CA ARG A 131 0.13 -9.33 7.82
C ARG A 131 0.53 -9.19 6.36
N GLY A 132 0.76 -10.30 5.65
CA GLY A 132 0.97 -10.26 4.22
C GLY A 132 2.42 -10.24 3.77
N GLU A 133 3.37 -10.38 4.71
CA GLU A 133 4.77 -10.42 4.33
C GLU A 133 5.11 -11.72 3.60
N ARG A 134 4.39 -12.80 3.87
CA ARG A 134 4.65 -14.08 3.22
C ARG A 134 3.45 -14.52 2.38
N ASP B 24 28.75 -14.98 7.81
CA ASP B 24 29.34 -15.14 9.13
C ASP B 24 29.05 -13.89 9.94
N ASN B 25 28.95 -12.75 9.25
CA ASN B 25 28.64 -11.48 9.90
C ASN B 25 27.23 -11.44 10.48
N ILE B 26 26.37 -12.39 10.10
CA ILE B 26 25.04 -12.45 10.70
C ILE B 26 25.12 -12.79 12.19
N GLN B 27 26.24 -13.36 12.64
CA GLN B 27 26.44 -13.60 14.06
C GLN B 27 26.93 -12.36 14.79
N GLY B 28 27.11 -11.24 14.08
CA GLY B 28 27.44 -9.99 14.74
C GLY B 28 26.35 -9.48 15.65
N ILE B 29 25.12 -9.94 15.45
CA ILE B 29 24.01 -9.59 16.32
C ILE B 29 23.97 -10.62 17.44
N THR B 30 24.48 -10.24 18.61
CA THR B 30 24.52 -11.16 19.74
C THR B 30 23.17 -11.21 20.43
N LYS B 31 23.05 -12.14 21.37
CA LYS B 31 21.81 -12.27 22.14
C LYS B 31 21.39 -10.98 22.85
N PRO B 32 22.27 -10.28 23.59
CA PRO B 32 21.79 -9.11 24.35
C PRO B 32 21.15 -8.02 23.50
N ALA B 33 21.61 -7.84 22.25
CA ALA B 33 20.95 -6.89 21.37
C ALA B 33 19.52 -7.31 21.08
N ILE B 34 19.32 -8.59 20.79
CA ILE B 34 17.99 -9.10 20.53
C ILE B 34 17.11 -8.95 21.77
N ARG B 35 17.67 -9.25 22.95
CA ARG B 35 16.89 -9.09 24.17
C ARG B 35 16.51 -7.64 24.41
N ARG B 36 17.43 -6.70 24.14
CA ARG B 36 17.12 -5.29 24.32
C ARG B 36 16.00 -4.85 23.39
N LEU B 37 16.07 -5.26 22.13
CA LEU B 37 15.00 -4.93 21.18
C LEU B 37 13.68 -5.52 21.64
N ALA B 38 13.69 -6.77 22.12
CA ALA B 38 12.47 -7.40 22.59
C ALA B 38 11.91 -6.69 23.81
N ARG B 39 12.76 -6.26 24.73
CA ARG B 39 12.29 -5.54 25.91
C ARG B 39 11.66 -4.21 25.51
N ARG B 40 12.26 -3.50 24.56
CA ARG B 40 11.59 -2.30 24.06
C ARG B 40 10.28 -2.66 23.38
N GLY B 41 10.21 -3.85 22.78
CA GLY B 41 8.97 -4.34 22.25
C GLY B 41 7.92 -4.66 23.30
N GLY B 42 8.34 -4.83 24.55
CA GLY B 42 7.36 -5.06 25.61
C GLY B 42 7.09 -6.51 25.90
N VAL B 43 8.11 -7.29 26.21
CA VAL B 43 7.97 -8.71 26.46
C VAL B 43 8.63 -9.06 27.78
N LYS B 44 8.14 -10.11 28.44
CA LYS B 44 8.74 -10.58 29.68
C LYS B 44 9.75 -11.70 29.44
N ARG B 45 9.30 -12.81 28.86
CA ARG B 45 10.14 -14.00 28.72
C ARG B 45 10.24 -14.40 27.25
N ILE B 46 11.44 -14.78 26.83
CA ILE B 46 11.72 -15.18 25.46
C ILE B 46 12.34 -16.58 25.48
N SER B 47 11.95 -17.41 24.52
CA SER B 47 12.54 -18.73 24.39
C SER B 47 13.87 -18.66 23.66
N GLY B 48 14.62 -19.75 23.73
CA GLY B 48 15.94 -19.80 23.11
C GLY B 48 15.94 -19.95 21.60
N LEU B 49 14.80 -20.28 21.00
CA LEU B 49 14.74 -20.51 19.56
C LEU B 49 14.51 -19.25 18.75
N ILE B 50 14.28 -18.11 19.42
CA ILE B 50 13.84 -16.91 18.73
C ILE B 50 14.98 -16.31 17.91
N TYR B 51 16.22 -16.45 18.39
CA TYR B 51 17.34 -15.68 17.85
C TYR B 51 17.56 -15.97 16.37
N GLU B 52 17.52 -17.24 15.98
CA GLU B 52 17.74 -17.58 14.58
C GLU B 52 16.63 -17.04 13.68
N GLU B 53 15.38 -17.09 14.15
CA GLU B 53 14.29 -16.56 13.35
C GLU B 53 14.42 -15.05 13.17
N THR B 54 14.78 -14.35 14.25
CA THR B 54 14.99 -12.91 14.13
C THR B 54 16.14 -12.62 13.18
N ARG B 55 17.21 -13.40 13.24
CA ARG B 55 18.34 -13.20 12.32
C ARG B 55 17.92 -13.41 10.88
N GLY B 56 17.14 -14.46 10.62
CA GLY B 56 16.71 -14.71 9.24
C GLY B 56 15.81 -13.61 8.71
N VAL B 57 14.86 -13.15 9.53
CA VAL B 57 13.97 -12.07 9.11
C VAL B 57 14.75 -10.80 8.85
N LEU B 58 15.68 -10.47 9.76
CA LEU B 58 16.52 -9.31 9.55
C LEU B 58 17.28 -9.41 8.24
N LYS B 59 17.92 -10.57 7.99
CA LYS B 59 18.73 -10.71 6.79
C LYS B 59 17.89 -10.52 5.54
N VAL B 60 16.74 -11.19 5.47
CA VAL B 60 15.93 -11.13 4.26
C VAL B 60 15.43 -9.70 4.03
N PHE B 61 15.12 -8.98 5.11
CA PHE B 61 14.78 -7.57 4.96
C PHE B 61 15.94 -6.77 4.38
N LEU B 62 17.16 -7.07 4.85
CA LEU B 62 18.33 -6.39 4.29
C LEU B 62 18.46 -6.60 2.79
N GLU B 63 18.42 -7.84 2.29
CA GLU B 63 18.63 -7.93 0.84
C GLU B 63 17.45 -7.30 0.11
N ASN B 64 16.24 -7.40 0.68
CA ASN B 64 15.08 -6.84 0.00
C ASN B 64 15.23 -5.34 -0.18
N VAL B 65 15.82 -4.65 0.79
CA VAL B 65 16.04 -3.21 0.64
C VAL B 65 17.25 -2.92 -0.26
N ILE B 66 18.36 -3.61 -0.01
CA ILE B 66 19.61 -3.29 -0.70
C ILE B 66 19.52 -3.56 -2.20
N ARG B 67 18.67 -4.50 -2.63
CA ARG B 67 18.52 -4.72 -4.07
C ARG B 67 18.03 -3.45 -4.77
N ASP B 68 16.96 -2.86 -4.26
CA ASP B 68 16.46 -1.61 -4.84
C ASP B 68 17.46 -0.48 -4.66
N ALA B 69 18.13 -0.43 -3.50
CA ALA B 69 19.10 0.63 -3.28
C ALA B 69 20.23 0.60 -4.31
N VAL B 70 20.79 -0.59 -4.54
CA VAL B 70 21.88 -0.72 -5.49
C VAL B 70 21.40 -0.46 -6.91
N THR B 71 20.18 -0.88 -7.25
CA THR B 71 19.66 -0.59 -8.57
C THR B 71 19.56 0.92 -8.79
N TYR B 72 19.02 1.62 -7.79
CA TYR B 72 18.88 3.07 -7.89
C TYR B 72 20.23 3.74 -8.05
N THR B 73 21.23 3.31 -7.28
CA THR B 73 22.53 3.96 -7.41
C THR B 73 23.25 3.54 -8.68
N GLU B 74 22.91 2.40 -9.26
CA GLU B 74 23.54 1.96 -10.49
C GLU B 74 23.01 2.70 -11.71
N HIS B 75 21.71 3.02 -11.71
CA HIS B 75 21.14 3.72 -12.86
C HIS B 75 21.77 5.10 -13.04
N ALA B 76 22.18 5.73 -11.95
CA ALA B 76 22.71 7.08 -11.99
C ALA B 76 24.17 7.14 -12.40
N LYS B 77 24.81 5.99 -12.64
CA LYS B 77 26.22 5.92 -13.04
C LYS B 77 27.13 6.56 -11.98
N ARG B 78 27.06 5.99 -10.78
CA ARG B 78 27.92 6.38 -9.69
C ARG B 78 28.53 5.13 -9.08
N LYS B 79 29.29 5.32 -7.99
CA LYS B 79 29.85 4.20 -7.27
C LYS B 79 29.55 4.24 -5.78
N THR B 80 28.76 5.20 -5.31
CA THR B 80 28.45 5.35 -3.90
C THR B 80 26.95 5.48 -3.71
N VAL B 81 26.44 4.81 -2.68
CA VAL B 81 25.02 4.84 -2.34
C VAL B 81 24.79 6.04 -1.42
N THR B 82 24.12 7.07 -1.95
CA THR B 82 23.77 8.20 -1.10
C THR B 82 22.55 7.87 -0.26
N ALA B 83 22.27 8.73 0.71
CA ALA B 83 21.14 8.51 1.60
C ALA B 83 19.81 8.62 0.87
N MET B 84 19.75 9.48 -0.15
CA MET B 84 18.52 9.65 -0.91
C MET B 84 18.13 8.34 -1.59
N ASP B 85 19.13 7.54 -1.98
CA ASP B 85 18.85 6.23 -2.56
C ASP B 85 18.14 5.33 -1.58
N VAL B 86 18.65 5.30 -0.34
CA VAL B 86 18.03 4.45 0.73
C VAL B 86 16.60 4.94 0.96
N VAL B 87 16.41 6.26 1.02
CA VAL B 87 15.05 6.83 1.25
C VAL B 87 14.14 6.41 0.09
N TYR B 88 14.65 6.47 -1.14
CA TYR B 88 13.85 6.06 -2.32
C TYR B 88 13.50 4.57 -2.19
N ALA B 89 14.46 3.76 -1.75
CA ALA B 89 14.23 2.31 -1.61
C ALA B 89 13.13 2.06 -0.56
N LEU B 90 13.20 2.78 0.56
CA LEU B 90 12.22 2.55 1.63
C LEU B 90 10.84 3.01 1.22
N LYS B 91 10.75 4.17 0.56
CA LYS B 91 9.45 4.69 0.14
C LYS B 91 8.82 3.80 -0.93
N ARG B 92 9.67 3.12 -1.72
CA ARG B 92 9.15 2.20 -2.77
C ARG B 92 8.28 1.13 -2.10
N GLN B 93 8.70 0.63 -0.95
CA GLN B 93 7.96 -0.43 -0.27
C GLN B 93 6.86 0.12 0.64
N GLY B 94 6.65 1.43 0.67
CA GLY B 94 5.62 2.00 1.49
C GLY B 94 6.03 2.36 2.90
N ARG B 95 7.28 2.10 3.29
CA ARG B 95 7.78 2.45 4.62
C ARG B 95 8.55 3.77 4.50
N THR B 96 7.80 4.86 4.56
CA THR B 96 8.39 6.19 4.45
C THR B 96 9.24 6.50 5.67
N LEU B 97 10.38 7.13 5.45
CA LEU B 97 11.27 7.57 6.52
C LEU B 97 11.46 9.07 6.43
N TYR B 98 11.28 9.75 7.56
CA TYR B 98 11.48 11.20 7.62
C TYR B 98 12.77 11.48 8.37
N GLY B 99 13.53 12.44 7.89
CA GLY B 99 14.70 12.86 8.64
C GLY B 99 15.96 13.09 7.83
N PHE B 100 15.96 12.61 6.59
CA PHE B 100 17.15 12.70 5.76
C PHE B 100 16.88 13.36 4.41
N GLY B 101 15.74 14.02 4.26
CA GLY B 101 15.42 14.70 3.01
C GLY B 101 15.00 13.74 1.93
N ALA C 12 6.88 6.07 -51.17
CA ALA C 12 7.17 4.65 -51.05
C ALA C 12 6.13 3.96 -50.18
N LYS C 13 6.25 2.64 -50.05
CA LYS C 13 5.31 1.88 -49.25
C LYS C 13 5.59 2.10 -47.76
N ALA C 14 4.52 2.37 -47.00
CA ALA C 14 4.65 2.60 -45.57
C ALA C 14 4.64 1.27 -44.83
N LYS C 15 5.55 1.14 -43.86
CA LYS C 15 5.64 -0.04 -43.01
C LYS C 15 5.41 0.38 -41.56
N THR C 16 4.59 -0.39 -40.84
CA THR C 16 4.34 -0.08 -39.44
C THR C 16 5.57 -0.38 -38.60
N ARG C 17 5.77 0.45 -37.58
CA ARG C 17 6.94 0.31 -36.71
C ARG C 17 6.92 -1.01 -35.97
N SER C 18 5.74 -1.46 -35.54
CA SER C 18 5.64 -2.75 -34.86
C SER C 18 6.04 -3.90 -35.78
N SER C 19 5.89 -3.73 -37.09
CA SER C 19 6.36 -4.73 -38.04
C SER C 19 7.87 -4.68 -38.24
N ARG C 20 8.46 -3.49 -38.09
CA ARG C 20 9.93 -3.37 -38.20
C ARG C 20 10.58 -4.15 -37.05
N ALA C 21 10.02 -4.06 -35.83
CA ALA C 21 10.54 -4.80 -34.70
C ALA C 21 10.03 -6.23 -34.66
N GLY C 22 9.01 -6.55 -35.45
CA GLY C 22 8.44 -7.88 -35.42
C GLY C 22 7.47 -8.14 -34.29
N LEU C 23 7.08 -7.10 -33.56
CA LEU C 23 6.20 -7.26 -32.42
C LEU C 23 4.74 -7.41 -32.88
N GLN C 24 3.86 -7.61 -31.92
CA GLN C 24 2.44 -7.73 -32.18
C GLN C 24 1.62 -6.60 -31.57
N PHE C 25 1.98 -6.14 -30.39
CA PHE C 25 1.31 -4.99 -29.80
C PHE C 25 1.63 -3.73 -30.61
N PRO C 26 0.67 -2.83 -30.79
CA PRO C 26 0.93 -1.63 -31.57
C PRO C 26 1.93 -0.72 -30.86
N VAL C 27 2.73 -0.03 -31.67
CA VAL C 27 3.74 0.87 -31.16
C VAL C 27 3.26 2.32 -31.17
N GLY C 28 2.59 2.72 -32.25
CA GLY C 28 2.11 4.09 -32.34
C GLY C 28 1.12 4.44 -31.24
N ARG C 29 0.29 3.47 -30.85
CA ARG C 29 -0.64 3.70 -29.75
C ARG C 29 0.10 3.98 -28.46
N VAL C 30 1.16 3.21 -28.19
CA VAL C 30 1.95 3.43 -26.98
C VAL C 30 2.60 4.80 -27.01
N HIS C 31 3.14 5.19 -28.17
CA HIS C 31 3.77 6.50 -28.30
C HIS C 31 2.77 7.62 -28.05
N ARG C 32 1.57 7.49 -28.63
CA ARG C 32 0.55 8.51 -28.44
C ARG C 32 0.11 8.59 -26.99
N LEU C 33 -0.03 7.43 -26.33
CA LEU C 33 -0.42 7.42 -24.92
C LEU C 33 0.65 8.08 -24.06
N LEU C 34 1.92 7.79 -24.33
CA LEU C 34 2.98 8.37 -23.51
C LEU C 34 3.09 9.88 -23.74
N ARG C 35 2.86 10.33 -24.98
CA ARG C 35 2.82 11.76 -25.21
C ARG C 35 1.64 12.41 -24.50
N LYS C 36 0.47 11.77 -24.56
CA LYS C 36 -0.74 12.30 -23.95
C LYS C 36 -0.77 12.08 -22.44
N GLY C 37 -0.10 11.05 -21.94
CA GLY C 37 -0.18 10.73 -20.53
C GLY C 37 0.46 11.71 -19.60
N ASN C 38 1.17 12.70 -20.14
CA ASN C 38 1.71 13.82 -19.36
C ASN C 38 2.68 13.30 -18.30
N TYR C 39 3.58 12.42 -18.70
CA TYR C 39 4.55 11.84 -17.79
C TYR C 39 5.87 12.61 -17.78
N ALA C 40 6.24 13.21 -18.91
CA ALA C 40 7.46 13.99 -18.99
C ALA C 40 7.30 15.01 -20.11
N GLU C 41 8.30 15.90 -20.23
CA GLU C 41 8.25 16.92 -21.26
C GLU C 41 8.28 16.31 -22.66
N ARG C 42 9.17 15.35 -22.88
CA ARG C 42 9.33 14.75 -24.19
C ARG C 42 9.77 13.30 -24.03
N VAL C 43 9.53 12.50 -25.06
CA VAL C 43 9.83 11.08 -25.03
C VAL C 43 10.73 10.73 -26.20
N GLY C 44 11.52 9.67 -26.03
CA GLY C 44 12.35 9.16 -27.09
C GLY C 44 11.63 8.16 -27.96
N ALA C 45 12.38 7.60 -28.90
CA ALA C 45 11.83 6.59 -29.81
C ALA C 45 12.09 5.17 -29.32
N GLY C 46 13.12 4.96 -28.52
CA GLY C 46 13.47 3.62 -28.10
C GLY C 46 12.66 3.08 -26.93
N ALA C 47 11.92 3.96 -26.26
CA ALA C 47 11.11 3.53 -25.13
C ALA C 47 9.87 2.74 -25.54
N PRO C 48 9.00 3.22 -26.44
CA PRO C 48 7.73 2.49 -26.67
C PRO C 48 7.92 1.08 -27.17
N VAL C 49 8.95 0.82 -27.97
CA VAL C 49 9.19 -0.53 -28.45
C VAL C 49 9.54 -1.46 -27.29
N TYR C 50 10.37 -0.98 -26.37
CA TYR C 50 10.71 -1.75 -25.18
C TYR C 50 9.46 -2.04 -24.35
N LEU C 51 8.62 -1.03 -24.16
CA LEU C 51 7.43 -1.21 -23.35
C LEU C 51 6.46 -2.20 -23.99
N ALA C 52 6.30 -2.11 -25.31
CA ALA C 52 5.41 -3.03 -26.02
C ALA C 52 5.94 -4.46 -25.94
N ALA C 53 7.26 -4.64 -26.06
CA ALA C 53 7.83 -5.97 -25.92
C ALA C 53 7.58 -6.55 -24.54
N VAL C 54 7.74 -5.73 -23.51
CA VAL C 54 7.51 -6.20 -22.15
C VAL C 54 6.05 -6.61 -21.96
N LEU C 55 5.12 -5.78 -22.44
CA LEU C 55 3.71 -6.11 -22.31
C LEU C 55 3.36 -7.40 -23.04
N GLU C 56 3.89 -7.55 -24.26
CA GLU C 56 3.62 -8.76 -25.04
C GLU C 56 4.16 -9.99 -24.34
N TYR C 57 5.37 -9.90 -23.78
CA TYR C 57 5.93 -11.06 -23.09
C TYR C 57 5.09 -11.43 -21.87
N LEU C 58 4.67 -10.43 -21.10
CA LEU C 58 3.86 -10.72 -19.91
C LEU C 58 2.54 -11.37 -20.27
N THR C 59 1.85 -10.83 -21.29
CA THR C 59 0.54 -11.39 -21.61
C THR C 59 0.67 -12.78 -22.21
N ALA C 60 1.74 -13.04 -22.97
CA ALA C 60 1.97 -14.40 -23.45
C ALA C 60 2.23 -15.35 -22.29
N GLU C 61 3.01 -14.89 -21.31
CA GLU C 61 3.31 -15.73 -20.16
C GLU C 61 2.05 -16.11 -19.40
N ILE C 62 1.14 -15.16 -19.22
CA ILE C 62 -0.10 -15.48 -18.52
C ILE C 62 -0.99 -16.38 -19.37
N LEU C 63 -1.07 -16.12 -20.67
CA LEU C 63 -1.95 -16.89 -21.54
C LEU C 63 -1.52 -18.35 -21.62
N GLU C 64 -0.22 -18.62 -21.56
CA GLU C 64 0.24 -20.01 -21.54
C GLU C 64 -0.36 -20.79 -20.37
N LEU C 65 -0.21 -20.25 -19.16
CA LEU C 65 -0.73 -20.95 -17.99
C LEU C 65 -2.24 -21.00 -18.00
N ALA C 66 -2.90 -19.96 -18.50
CA ALA C 66 -4.35 -19.98 -18.59
C ALA C 66 -4.84 -21.09 -19.52
N GLY C 67 -4.21 -21.22 -20.69
CA GLY C 67 -4.59 -22.28 -21.61
C GLY C 67 -4.31 -23.66 -21.05
N ASN C 68 -3.18 -23.82 -20.36
CA ASN C 68 -2.89 -25.10 -19.73
C ASN C 68 -3.94 -25.45 -18.69
N ALA C 69 -4.30 -24.48 -17.85
CA ALA C 69 -5.30 -24.74 -16.81
C ALA C 69 -6.65 -25.08 -17.41
N ALA C 70 -7.04 -24.39 -18.47
CA ALA C 70 -8.31 -24.69 -19.12
C ALA C 70 -8.29 -26.08 -19.74
N ARG C 71 -7.17 -26.43 -20.39
CA ARG C 71 -7.05 -27.76 -21.03
C ARG C 71 -7.13 -28.85 -19.96
N ASP C 72 -6.60 -28.59 -18.76
CA ASP C 72 -6.55 -29.61 -17.71
C ASP C 72 -7.93 -30.12 -17.35
N ASN C 73 -8.96 -29.28 -17.46
CA ASN C 73 -10.31 -29.69 -17.09
C ASN C 73 -11.21 -29.83 -18.31
N LYS C 74 -10.64 -30.29 -19.43
CA LYS C 74 -11.33 -30.68 -20.67
C LYS C 74 -12.38 -29.64 -21.09
N LYS C 75 -11.91 -28.42 -21.28
CA LYS C 75 -12.77 -27.30 -21.63
C LYS C 75 -12.08 -26.51 -22.73
N THR C 76 -12.87 -25.86 -23.58
CA THR C 76 -12.33 -25.19 -24.76
C THR C 76 -12.15 -23.69 -24.58
N ARG C 77 -13.07 -23.04 -23.88
CA ARG C 77 -13.00 -21.60 -23.70
C ARG C 77 -12.12 -21.25 -22.50
N ILE C 78 -12.04 -19.94 -22.22
CA ILE C 78 -11.35 -19.42 -21.05
C ILE C 78 -12.36 -18.71 -20.17
N ILE C 79 -12.38 -19.06 -18.89
CA ILE C 79 -13.29 -18.45 -17.92
C ILE C 79 -12.43 -17.82 -16.83
N PRO C 80 -12.98 -16.85 -16.10
CA PRO C 80 -12.20 -16.20 -15.04
C PRO C 80 -11.68 -17.15 -13.99
N ARG C 81 -12.36 -18.27 -13.76
CA ARG C 81 -11.86 -19.27 -12.81
C ARG C 81 -10.51 -19.81 -13.27
N HIS C 82 -10.36 -20.06 -14.58
CA HIS C 82 -9.09 -20.52 -15.11
C HIS C 82 -7.99 -19.49 -14.88
N LEU C 83 -8.28 -18.22 -15.13
CA LEU C 83 -7.27 -17.18 -14.93
C LEU C 83 -6.88 -17.07 -13.46
N GLN C 84 -7.86 -17.18 -12.57
CA GLN C 84 -7.56 -17.12 -11.14
C GLN C 84 -6.67 -18.28 -10.72
N LEU C 85 -6.98 -19.48 -11.20
CA LEU C 85 -6.14 -20.64 -10.89
C LEU C 85 -4.73 -20.46 -11.45
N ALA C 86 -4.62 -19.94 -12.67
CA ALA C 86 -3.30 -19.77 -13.28
C ALA C 86 -2.47 -18.75 -12.51
N ILE C 87 -3.08 -17.64 -12.09
CA ILE C 87 -2.33 -16.65 -11.33
C ILE C 87 -1.94 -17.20 -9.96
N ARG C 88 -2.87 -17.89 -9.29
CA ARG C 88 -2.58 -18.37 -7.94
C ARG C 88 -1.56 -19.49 -7.94
N ASN C 89 -1.48 -20.26 -9.03
CA ASN C 89 -0.53 -21.37 -9.06
C ASN C 89 0.91 -20.89 -9.15
N ASP C 90 1.19 -19.99 -10.10
CA ASP C 90 2.54 -19.46 -10.25
C ASP C 90 2.88 -18.52 -9.10
N GLU C 91 4.06 -18.72 -8.50
CA GLU C 91 4.44 -17.90 -7.36
C GLU C 91 4.89 -16.51 -7.78
N GLU C 92 5.56 -16.41 -8.93
CA GLU C 92 5.99 -15.10 -9.41
C GLU C 92 4.80 -14.22 -9.75
N LEU C 93 3.84 -14.77 -10.50
CA LEU C 93 2.65 -14.00 -10.83
C LEU C 93 1.84 -13.68 -9.59
N ASN C 94 1.82 -14.59 -8.61
CA ASN C 94 1.17 -14.31 -7.35
C ASN C 94 1.82 -13.14 -6.65
N LYS C 95 3.15 -13.10 -6.64
CA LYS C 95 3.86 -11.99 -5.99
C LYS C 95 3.60 -10.68 -6.72
N LEU C 96 3.55 -10.71 -8.05
CA LEU C 96 3.27 -9.50 -8.80
C LEU C 96 1.83 -9.04 -8.56
N LEU C 97 0.93 -9.97 -8.32
CA LEU C 97 -0.49 -9.69 -8.18
C LEU C 97 -0.99 -10.06 -6.79
N GLY C 98 -0.22 -9.70 -5.76
CA GLY C 98 -0.51 -10.14 -4.41
C GLY C 98 -1.63 -9.42 -3.70
N LYS C 99 -2.09 -8.29 -4.21
CA LYS C 99 -3.14 -7.53 -3.56
C LYS C 99 -4.18 -7.07 -4.57
N VAL C 100 -4.62 -7.97 -5.43
CA VAL C 100 -5.61 -7.67 -6.46
C VAL C 100 -6.72 -8.71 -6.39
N THR C 101 -7.95 -8.25 -6.53
CA THR C 101 -9.12 -9.12 -6.47
C THR C 101 -9.65 -9.34 -7.89
N ILE C 102 -9.72 -10.61 -8.30
CA ILE C 102 -10.31 -10.97 -9.58
C ILE C 102 -11.78 -11.27 -9.36
N ALA C 103 -12.64 -10.50 -10.03
CA ALA C 103 -14.07 -10.73 -9.92
C ALA C 103 -14.44 -12.06 -10.57
N GLN C 104 -15.40 -12.76 -9.97
CA GLN C 104 -15.94 -14.01 -10.50
C GLN C 104 -14.83 -15.05 -10.63
N GLY C 105 -13.90 -15.04 -9.68
CA GLY C 105 -12.74 -15.91 -9.77
C GLY C 105 -12.71 -17.03 -8.75
N GLY C 106 -13.43 -16.88 -7.65
CA GLY C 106 -13.42 -17.92 -6.65
C GLY C 106 -12.12 -17.95 -5.86
N VAL C 107 -11.92 -19.08 -5.17
CA VAL C 107 -10.76 -19.27 -4.29
C VAL C 107 -10.14 -20.63 -4.62
N LEU C 108 -8.82 -20.69 -4.54
CA LEU C 108 -8.11 -21.95 -4.75
C LEU C 108 -8.48 -22.93 -3.65
N PRO C 109 -8.57 -24.23 -3.94
CA PRO C 109 -8.92 -25.20 -2.91
C PRO C 109 -7.81 -25.33 -1.87
N ASN C 110 -8.21 -25.35 -0.60
CA ASN C 110 -7.27 -25.50 0.50
C ASN C 110 -8.04 -25.94 1.75
N ILE C 111 -7.57 -27.02 2.37
CA ILE C 111 -8.22 -27.53 3.61
C ILE C 111 -7.12 -27.77 4.67
N GLN C 112 -7.26 -27.18 5.85
CA GLN C 112 -6.26 -27.32 6.90
C GLN C 112 -6.12 -28.77 7.34
N ALA C 113 -4.88 -29.15 7.66
CA ALA C 113 -4.58 -30.56 7.92
C ALA C 113 -5.15 -31.03 9.25
N VAL C 114 -5.09 -30.20 10.29
CA VAL C 114 -5.58 -30.60 11.60
C VAL C 114 -7.08 -30.83 11.57
N LEU C 115 -7.80 -30.03 10.80
CA LEU C 115 -9.26 -30.13 10.72
C LEU C 115 -9.72 -31.46 10.13
N LEU C 116 -8.86 -32.18 9.42
CA LEU C 116 -9.25 -33.44 8.83
C LEU C 116 -9.53 -34.46 9.92
N PRO C 117 -10.63 -35.20 9.84
CA PRO C 117 -10.94 -36.19 10.88
C PRO C 117 -9.93 -37.33 10.89
N LYS C 118 -9.75 -37.91 12.07
CA LYS C 118 -8.77 -38.98 12.25
C LYS C 118 -9.40 -40.33 11.94
N SER D 32 -19.23 7.92 -29.81
CA SER D 32 -17.82 7.92 -30.16
C SER D 32 -17.28 6.49 -30.29
N ARG D 33 -15.97 6.33 -30.13
CA ARG D 33 -15.31 5.04 -30.28
C ARG D 33 -14.54 4.71 -29.02
N LYS D 34 -14.57 3.45 -28.61
CA LYS D 34 -13.78 2.96 -27.49
C LYS D 34 -12.58 2.18 -28.01
N GLU D 35 -11.43 2.35 -27.35
CA GLU D 35 -10.20 1.68 -27.73
C GLU D 35 -9.90 0.55 -26.77
N SER D 36 -9.47 -0.59 -27.30
CA SER D 36 -9.23 -1.76 -26.48
C SER D 36 -8.09 -2.57 -27.08
N TYR D 37 -7.53 -3.45 -26.26
CA TYR D 37 -6.42 -4.31 -26.64
C TYR D 37 -6.90 -5.68 -27.11
N SER D 38 -8.15 -5.77 -27.59
CA SER D 38 -8.77 -7.07 -27.82
C SER D 38 -8.13 -7.81 -29.00
N VAL D 39 -7.95 -7.11 -30.12
CA VAL D 39 -7.45 -7.76 -31.32
C VAL D 39 -6.05 -8.29 -31.11
N TYR D 40 -5.21 -7.47 -30.48
CA TYR D 40 -3.79 -7.87 -30.28
C TYR D 40 -3.73 -9.12 -29.39
N VAL D 41 -4.44 -9.09 -28.25
CA VAL D 41 -4.35 -10.22 -27.33
C VAL D 41 -4.95 -11.47 -27.98
N TYR D 42 -5.97 -11.31 -28.82
CA TYR D 42 -6.48 -12.46 -29.56
C TYR D 42 -5.43 -13.02 -30.50
N LYS D 43 -4.68 -12.14 -31.18
CA LYS D 43 -3.62 -12.59 -32.07
C LYS D 43 -2.53 -13.31 -31.29
N VAL D 44 -2.17 -12.79 -30.12
CA VAL D 44 -1.16 -13.45 -29.30
C VAL D 44 -1.64 -14.83 -28.86
N LEU D 45 -2.92 -14.94 -28.45
CA LEU D 45 -3.45 -16.24 -28.08
C LEU D 45 -3.38 -17.22 -29.24
N LYS D 46 -3.80 -16.79 -30.42
CA LYS D 46 -3.75 -17.67 -31.58
C LYS D 46 -2.32 -18.02 -31.96
N GLN D 47 -1.35 -17.16 -31.62
CA GLN D 47 0.05 -17.50 -31.81
C GLN D 47 0.53 -18.52 -30.80
N VAL D 48 -0.02 -18.51 -29.59
CA VAL D 48 0.45 -19.40 -28.53
C VAL D 48 -0.29 -20.72 -28.56
N HIS D 49 -1.60 -20.69 -28.36
CA HIS D 49 -2.43 -21.89 -28.40
C HIS D 49 -3.36 -21.82 -29.59
N PRO D 50 -3.22 -22.71 -30.57
CA PRO D 50 -3.95 -22.53 -31.84
C PRO D 50 -5.46 -22.59 -31.73
N ASP D 51 -5.99 -23.37 -30.79
CA ASP D 51 -7.40 -23.76 -30.82
C ASP D 51 -8.07 -23.57 -29.46
N THR D 52 -7.90 -22.40 -28.86
CA THR D 52 -8.49 -22.10 -27.56
C THR D 52 -9.36 -20.86 -27.68
N GLY D 53 -10.52 -20.88 -27.01
CA GLY D 53 -11.48 -19.79 -27.08
C GLY D 53 -11.37 -18.84 -25.91
N ILE D 54 -12.15 -17.77 -25.98
CA ILE D 54 -12.11 -16.69 -25.00
C ILE D 54 -13.53 -16.21 -24.73
N SER D 55 -13.84 -15.99 -23.45
CA SER D 55 -15.07 -15.35 -23.04
C SER D 55 -14.83 -13.85 -22.84
N SER D 56 -15.90 -13.08 -22.99
CA SER D 56 -15.78 -11.62 -22.99
C SER D 56 -15.28 -11.10 -21.64
N LYS D 57 -15.70 -11.72 -20.54
CA LYS D 57 -15.24 -11.30 -19.23
C LYS D 57 -13.74 -11.45 -19.11
N ALA D 58 -13.19 -12.54 -19.65
CA ALA D 58 -11.75 -12.70 -19.67
C ALA D 58 -11.09 -11.60 -20.49
N MET D 59 -11.72 -11.19 -21.58
CA MET D 59 -11.17 -10.09 -22.37
C MET D 59 -11.13 -8.81 -21.58
N GLY D 60 -12.18 -8.53 -20.80
CA GLY D 60 -12.15 -7.36 -19.93
C GLY D 60 -11.05 -7.46 -18.88
N ILE D 61 -10.86 -8.65 -18.33
CA ILE D 61 -9.77 -8.86 -17.37
C ILE D 61 -8.43 -8.53 -18.02
N MET D 62 -8.21 -9.01 -19.24
CA MET D 62 -6.93 -8.77 -19.91
C MET D 62 -6.72 -7.29 -20.20
N ASN D 63 -7.78 -6.61 -20.66
CA ASN D 63 -7.65 -5.18 -20.95
C ASN D 63 -7.31 -4.40 -19.69
N SER D 64 -8.02 -4.66 -18.59
CA SER D 64 -7.75 -3.95 -17.36
C SER D 64 -6.34 -4.28 -16.85
N PHE D 65 -5.90 -5.52 -17.01
CA PHE D 65 -4.56 -5.88 -16.57
C PHE D 65 -3.49 -5.13 -17.35
N VAL D 66 -3.65 -5.07 -18.67
CA VAL D 66 -2.67 -4.37 -19.50
C VAL D 66 -2.64 -2.90 -19.13
N ASN D 67 -3.82 -2.29 -18.91
CA ASN D 67 -3.85 -0.89 -18.52
C ASN D 67 -3.16 -0.66 -17.19
N ASP D 68 -3.40 -1.54 -16.22
CA ASP D 68 -2.78 -1.40 -14.91
C ASP D 68 -1.25 -1.48 -15.02
N ILE D 69 -0.76 -2.48 -15.75
CA ILE D 69 0.69 -2.65 -15.87
C ILE D 69 1.30 -1.45 -16.58
N PHE D 70 0.67 -1.00 -17.66
CA PHE D 70 1.19 0.16 -18.40
C PHE D 70 1.26 1.38 -17.52
N GLU D 71 0.20 1.66 -16.76
CA GLU D 71 0.20 2.84 -15.91
C GLU D 71 1.27 2.75 -14.84
N ARG D 72 1.42 1.59 -14.22
CA ARG D 72 2.41 1.45 -13.15
C ARG D 72 3.83 1.64 -13.68
N ILE D 73 4.15 1.01 -14.82
CA ILE D 73 5.47 1.17 -15.41
C ILE D 73 5.72 2.61 -15.82
N ALA D 74 4.73 3.25 -16.44
CA ALA D 74 4.91 4.63 -16.88
C ALA D 74 5.14 5.56 -15.70
N GLY D 75 4.39 5.37 -14.61
CA GLY D 75 4.59 6.20 -13.44
C GLY D 75 5.96 6.02 -12.83
N GLU D 76 6.43 4.78 -12.70
CA GLU D 76 7.76 4.55 -12.15
C GLU D 76 8.83 5.18 -13.03
N ALA D 77 8.69 5.03 -14.35
CA ALA D 77 9.67 5.61 -15.26
C ALA D 77 9.68 7.13 -15.17
N SER D 78 8.51 7.75 -15.12
CA SER D 78 8.44 9.20 -15.04
C SER D 78 9.07 9.71 -13.76
N ARG D 79 8.80 9.04 -12.64
CA ARG D 79 9.42 9.44 -11.39
C ARG D 79 10.94 9.30 -11.45
N LEU D 80 11.42 8.20 -12.02
CA LEU D 80 12.86 7.99 -12.14
C LEU D 80 13.50 9.08 -12.99
N ALA D 81 12.86 9.45 -14.09
CA ALA D 81 13.39 10.53 -14.92
C ALA D 81 13.41 11.85 -14.17
N HIS D 82 12.41 12.07 -13.31
CA HIS D 82 12.45 13.31 -12.48
C HIS D 82 13.60 13.24 -11.47
N TYR D 83 13.84 12.06 -10.87
CA TYR D 83 14.87 11.91 -9.81
C TYR D 83 16.27 12.28 -10.32
N ASN D 84 16.47 12.36 -11.63
CA ASN D 84 17.81 12.60 -12.17
C ASN D 84 17.91 13.90 -12.94
N LYS D 85 16.98 14.83 -12.74
CA LYS D 85 17.02 16.15 -13.37
C LYS D 85 17.06 16.04 -14.89
N ARG D 86 16.40 15.02 -15.43
CA ARG D 86 16.31 14.82 -16.86
C ARG D 86 15.02 15.45 -17.38
N SER D 87 14.87 15.48 -18.70
CA SER D 87 13.67 16.02 -19.30
C SER D 87 13.16 15.18 -20.47
N THR D 88 13.58 13.92 -20.56
CA THR D 88 13.15 13.10 -21.67
C THR D 88 13.06 11.65 -21.22
N ILE D 89 12.44 10.83 -22.06
CA ILE D 89 12.18 9.42 -21.77
C ILE D 89 13.02 8.59 -22.73
N THR D 90 14.09 7.98 -22.22
CA THR D 90 14.86 7.03 -23.00
C THR D 90 14.54 5.61 -22.56
N SER D 91 15.20 4.63 -23.19
CA SER D 91 14.87 3.23 -22.91
C SER D 91 15.46 2.77 -21.58
N ARG D 92 16.62 3.29 -21.19
CA ARG D 92 17.35 2.68 -20.10
C ARG D 92 16.63 2.85 -18.76
N GLU D 93 15.95 3.97 -18.55
CA GLU D 93 15.20 4.11 -17.31
C GLU D 93 13.94 3.23 -17.31
N ILE D 94 13.39 2.96 -18.49
CA ILE D 94 12.37 1.93 -18.59
C ILE D 94 12.93 0.58 -18.14
N GLN D 95 14.16 0.28 -18.56
CA GLN D 95 14.80 -0.96 -18.14
C GLN D 95 14.98 -0.99 -16.62
N THR D 96 15.38 0.13 -16.04
CA THR D 96 15.53 0.20 -14.59
C THR D 96 14.20 -0.01 -13.88
N ALA D 97 13.13 0.58 -14.41
CA ALA D 97 11.81 0.38 -13.82
C ALA D 97 11.39 -1.07 -13.89
N VAL D 98 11.68 -1.74 -15.01
CA VAL D 98 11.38 -3.16 -15.12
C VAL D 98 12.17 -3.96 -14.10
N ARG D 99 13.45 -3.64 -13.94
CA ARG D 99 14.27 -4.34 -12.96
C ARG D 99 13.76 -4.12 -11.54
N LEU D 100 13.15 -2.96 -11.28
CA LEU D 100 12.62 -2.72 -9.95
C LEU D 100 11.29 -3.41 -9.71
N LEU D 101 10.39 -3.43 -10.70
CA LEU D 101 9.02 -3.81 -10.38
C LEU D 101 8.80 -5.31 -10.45
N LEU D 102 9.18 -5.94 -11.55
CA LEU D 102 8.93 -7.36 -11.72
C LEU D 102 9.77 -8.16 -10.72
N PRO D 103 9.21 -9.20 -10.09
CA PRO D 103 9.93 -9.92 -9.04
C PRO D 103 10.90 -10.95 -9.61
N GLY D 104 12.19 -10.72 -9.39
CA GLY D 104 13.19 -11.76 -9.58
C GLY D 104 13.35 -12.20 -11.03
N GLU D 105 13.38 -13.52 -11.22
CA GLU D 105 13.83 -14.10 -12.48
C GLU D 105 12.89 -13.74 -13.64
N LEU D 106 11.63 -13.42 -13.35
CA LEU D 106 10.73 -13.00 -14.40
C LEU D 106 11.20 -11.73 -15.09
N ALA D 107 11.98 -10.90 -14.40
CA ALA D 107 12.60 -9.75 -15.06
C ALA D 107 13.71 -10.17 -16.00
N LYS D 108 14.42 -11.24 -15.67
CA LYS D 108 15.61 -11.63 -16.42
C LYS D 108 15.27 -11.90 -17.88
N HIS D 109 14.17 -12.62 -18.13
CA HIS D 109 13.71 -12.80 -19.50
C HIS D 109 13.29 -11.48 -20.11
N ALA D 110 12.53 -10.68 -19.36
CA ALA D 110 11.91 -9.49 -19.93
C ALA D 110 12.94 -8.52 -20.46
N VAL D 111 13.98 -8.25 -19.66
CA VAL D 111 15.07 -7.40 -20.14
C VAL D 111 15.71 -8.01 -21.37
N SER D 112 15.94 -9.32 -21.35
CA SER D 112 16.47 -10.00 -22.52
C SER D 112 15.51 -9.90 -23.69
N GLU D 113 14.20 -9.88 -23.41
CA GLU D 113 13.23 -9.68 -24.47
C GLU D 113 13.25 -8.25 -25.00
N GLY D 114 13.67 -7.30 -24.18
CA GLY D 114 13.68 -5.92 -24.62
C GLY D 114 14.85 -5.62 -25.54
N THR D 115 16.05 -5.93 -25.08
CA THR D 115 17.25 -5.66 -25.86
C THR D 115 17.23 -6.36 -27.21
N LYS D 116 16.65 -7.56 -27.27
CA LYS D 116 16.48 -8.23 -28.55
C LYS D 116 15.58 -7.44 -29.48
N ALA D 117 14.49 -6.89 -28.95
CA ALA D 117 13.54 -6.18 -29.79
C ALA D 117 14.11 -4.86 -30.29
N VAL D 118 14.71 -4.08 -29.40
CA VAL D 118 15.11 -2.72 -29.75
C VAL D 118 16.19 -2.73 -30.81
N THR D 119 17.16 -3.65 -30.70
CA THR D 119 18.21 -3.74 -31.71
C THR D 119 17.65 -4.18 -33.06
N LYS D 120 16.49 -4.82 -33.08
CA LYS D 120 15.82 -5.09 -34.33
C LYS D 120 15.41 -3.79 -35.01
N TYR D 121 14.90 -2.84 -34.24
CA TYR D 121 14.42 -1.59 -34.80
C TYR D 121 15.57 -0.68 -35.21
N THR D 122 16.67 -0.72 -34.46
CA THR D 122 17.83 0.10 -34.81
C THR D 122 18.43 -0.33 -36.14
N SER D 123 18.40 -1.63 -36.44
CA SER D 123 18.86 -2.09 -37.75
C SER D 123 17.98 -1.53 -38.86
N SER D 124 16.67 -1.50 -38.64
CA SER D 124 15.69 -0.93 -39.56
C SER D 124 15.79 -1.54 -40.96
N PRO E 38 -33.54 -42.91 10.54
CA PRO E 38 -32.73 -43.72 11.45
C PRO E 38 -31.24 -43.56 11.21
N HIS E 39 -30.88 -43.17 9.99
CA HIS E 39 -29.49 -42.96 9.60
C HIS E 39 -29.16 -41.48 9.74
N ARG E 40 -28.36 -41.15 10.75
CA ARG E 40 -27.89 -39.79 10.97
C ARG E 40 -26.38 -39.74 10.88
N TYR E 41 -25.86 -38.79 10.12
CA TYR E 41 -24.42 -38.64 9.97
C TYR E 41 -23.77 -38.23 11.29
N ARG E 42 -22.46 -38.42 11.36
CA ARG E 42 -21.71 -37.89 12.49
C ARG E 42 -21.75 -36.36 12.44
N PRO E 43 -21.67 -35.69 13.60
CA PRO E 43 -21.89 -34.24 13.63
C PRO E 43 -20.87 -33.43 12.83
N GLY E 44 -19.70 -33.99 12.51
CA GLY E 44 -18.69 -33.22 11.83
C GLY E 44 -18.24 -33.77 10.49
N THR E 45 -19.17 -34.27 9.69
CA THR E 45 -18.79 -34.86 8.40
C THR E 45 -19.46 -34.13 7.25
N VAL E 46 -20.61 -33.50 7.51
CA VAL E 46 -21.25 -32.70 6.48
C VAL E 46 -20.41 -31.47 6.18
N ALA E 47 -19.67 -30.99 7.17
CA ALA E 47 -18.91 -29.76 7.02
C ALA E 47 -17.90 -29.87 5.89
N LEU E 48 -17.16 -30.99 5.83
CA LEU E 48 -16.16 -31.15 4.77
C LEU E 48 -16.80 -31.22 3.40
N ARG E 49 -17.96 -31.88 3.31
CA ARG E 49 -18.65 -31.94 2.03
C ARG E 49 -19.05 -30.55 1.57
N GLU E 50 -19.54 -29.71 2.48
CA GLU E 50 -19.93 -28.36 2.04
C GLU E 50 -18.70 -27.48 1.79
N ILE E 51 -17.60 -27.71 2.52
CA ILE E 51 -16.34 -27.05 2.16
C ILE E 51 -15.97 -27.34 0.72
N ARG E 52 -16.02 -28.63 0.34
CA ARG E 52 -15.64 -29.00 -1.02
C ARG E 52 -16.57 -28.37 -2.04
N ARG E 53 -17.88 -28.50 -1.83
CA ARG E 53 -18.80 -28.03 -2.86
C ARG E 53 -18.79 -26.51 -2.98
N TYR E 54 -18.56 -25.79 -1.87
CA TYR E 54 -18.49 -24.35 -1.97
C TYR E 54 -17.17 -23.88 -2.57
N GLN E 55 -16.06 -24.54 -2.23
CA GLN E 55 -14.78 -24.10 -2.77
C GLN E 55 -14.65 -24.43 -4.25
N LYS E 56 -15.45 -25.39 -4.73
CA LYS E 56 -15.47 -25.68 -6.19
C LYS E 56 -16.54 -24.80 -6.84
N SER E 57 -17.20 -23.94 -6.06
CA SER E 57 -18.24 -23.07 -6.57
C SER E 57 -17.71 -21.66 -6.78
N THR E 58 -18.40 -20.91 -7.64
CA THR E 58 -18.00 -19.53 -7.92
C THR E 58 -19.20 -18.59 -8.05
N GLU E 59 -20.31 -18.92 -7.42
CA GLU E 59 -21.53 -18.11 -7.51
C GLU E 59 -21.45 -16.93 -6.55
N LEU E 60 -22.58 -16.28 -6.32
CA LEU E 60 -22.59 -15.04 -5.56
C LEU E 60 -22.72 -15.24 -4.06
N LEU E 61 -23.54 -16.21 -3.64
CA LEU E 61 -23.72 -16.65 -2.26
C LEU E 61 -24.42 -15.64 -1.36
N ILE E 62 -24.80 -14.47 -1.87
CA ILE E 62 -25.49 -13.46 -1.08
C ILE E 62 -26.67 -12.95 -1.89
N ARG E 63 -27.82 -12.79 -1.22
CA ARG E 63 -29.01 -12.32 -1.90
C ARG E 63 -28.80 -10.91 -2.45
N LYS E 64 -29.50 -10.61 -3.54
CA LYS E 64 -29.29 -9.35 -4.24
C LYS E 64 -30.10 -8.20 -3.65
N LEU E 65 -31.41 -8.39 -3.49
CA LEU E 65 -32.27 -7.31 -3.03
C LEU E 65 -31.92 -6.80 -1.64
N PRO E 66 -31.69 -7.65 -0.62
CA PRO E 66 -31.28 -7.09 0.69
C PRO E 66 -30.00 -6.30 0.60
N PHE E 67 -29.04 -6.75 -0.20
CA PHE E 67 -27.81 -5.99 -0.34
C PHE E 67 -28.05 -4.66 -1.03
N GLN E 68 -28.89 -4.64 -2.06
CA GLN E 68 -29.17 -3.39 -2.75
C GLN E 68 -29.85 -2.39 -1.83
N ARG E 69 -30.84 -2.85 -1.06
CA ARG E 69 -31.50 -1.93 -0.15
C ARG E 69 -30.57 -1.49 0.99
N LEU E 70 -29.65 -2.37 1.40
CA LEU E 70 -28.66 -1.97 2.41
C LEU E 70 -27.75 -0.87 1.86
N VAL E 71 -27.29 -1.03 0.62
CA VAL E 71 -26.43 -0.01 0.02
C VAL E 71 -27.16 1.31 -0.10
N ARG E 72 -28.43 1.27 -0.53
CA ARG E 72 -29.20 2.51 -0.63
C ARG E 72 -29.40 3.16 0.73
N GLU E 73 -29.67 2.34 1.77
CA GLU E 73 -29.85 2.88 3.11
C GLU E 73 -28.58 3.56 3.61
N ILE E 74 -27.42 2.96 3.34
CA ILE E 74 -26.16 3.60 3.73
C ILE E 74 -25.94 4.88 2.94
N ALA E 75 -26.19 4.86 1.63
CA ALA E 75 -25.89 6.01 0.81
C ALA E 75 -26.84 7.18 1.01
N GLN E 76 -28.02 6.94 1.58
CA GLN E 76 -28.96 8.03 1.80
C GLN E 76 -28.47 9.05 2.82
N ASP E 77 -27.44 8.72 3.59
CA ASP E 77 -26.96 9.60 4.65
C ASP E 77 -26.07 10.72 4.15
N PHE E 78 -25.48 10.61 2.96
CA PHE E 78 -24.54 11.60 2.47
C PHE E 78 -25.17 12.60 1.51
N LYS E 79 -25.93 12.13 0.54
CA LYS E 79 -26.58 13.02 -0.42
C LYS E 79 -27.84 12.33 -0.90
N THR E 80 -29.00 12.87 -0.52
CA THR E 80 -30.26 12.21 -0.80
C THR E 80 -30.59 12.25 -2.30
N ASP E 81 -31.48 11.36 -2.71
CA ASP E 81 -31.90 11.21 -4.10
C ASP E 81 -30.71 10.91 -5.00
N LEU E 82 -30.06 9.77 -4.74
CA LEU E 82 -28.98 9.27 -5.56
C LEU E 82 -29.45 8.05 -6.33
N ARG E 83 -28.95 7.91 -7.55
CA ARG E 83 -29.39 6.86 -8.46
C ARG E 83 -28.20 5.96 -8.77
N PHE E 84 -28.18 4.80 -8.12
CA PHE E 84 -27.06 3.87 -8.30
C PHE E 84 -27.16 3.15 -9.63
N GLN E 85 -26.03 2.63 -10.08
CA GLN E 85 -25.96 1.78 -11.25
C GLN E 85 -25.72 0.33 -10.84
N SER E 86 -26.36 -0.59 -11.57
CA SER E 86 -26.32 -2.00 -11.20
C SER E 86 -24.89 -2.55 -11.21
N SER E 87 -24.09 -2.12 -12.18
CA SER E 87 -22.71 -2.58 -12.25
C SER E 87 -21.94 -2.16 -11.00
N ALA E 88 -22.18 -0.95 -10.50
CA ALA E 88 -21.54 -0.52 -9.25
C ALA E 88 -21.96 -1.42 -8.10
N VAL E 89 -23.24 -1.80 -8.06
CA VAL E 89 -23.71 -2.69 -7.01
C VAL E 89 -22.98 -4.03 -7.07
N MET E 90 -22.83 -4.57 -8.28
CA MET E 90 -22.13 -5.84 -8.43
C MET E 90 -20.66 -5.71 -8.03
N ALA E 91 -20.04 -4.58 -8.35
CA ALA E 91 -18.65 -4.36 -7.96
C ALA E 91 -18.51 -4.34 -6.44
N LEU E 92 -19.44 -3.65 -5.77
CA LEU E 92 -19.42 -3.63 -4.31
C LEU E 92 -19.60 -5.03 -3.76
N GLN E 93 -20.50 -5.82 -4.36
CA GLN E 93 -20.66 -7.22 -3.99
C GLN E 93 -19.34 -7.97 -4.05
N GLU E 94 -18.65 -7.89 -5.19
CA GLU E 94 -17.43 -8.68 -5.36
C GLU E 94 -16.36 -8.26 -4.36
N ALA E 95 -16.16 -6.94 -4.21
CA ALA E 95 -15.13 -6.46 -3.30
C ALA E 95 -15.41 -6.88 -1.87
N SER E 96 -16.64 -6.66 -1.41
CA SER E 96 -16.98 -6.97 -0.02
C SER E 96 -16.89 -8.46 0.25
N GLU E 97 -17.36 -9.29 -0.67
CA GLU E 97 -17.31 -10.73 -0.45
C GLU E 97 -15.88 -11.24 -0.42
N ALA E 98 -15.02 -10.73 -1.31
CA ALA E 98 -13.63 -11.14 -1.28
C ALA E 98 -12.98 -10.74 0.04
N TYR E 99 -13.28 -9.53 0.51
CA TYR E 99 -12.72 -9.08 1.78
C TYR E 99 -13.17 -9.98 2.93
N LEU E 100 -14.45 -10.32 2.97
CA LEU E 100 -14.94 -11.18 4.04
C LEU E 100 -14.32 -12.57 3.96
N VAL E 101 -14.16 -13.12 2.76
CA VAL E 101 -13.57 -14.44 2.61
C VAL E 101 -12.15 -14.44 3.17
N GLY E 102 -11.36 -13.43 2.80
CA GLY E 102 -10.02 -13.34 3.34
C GLY E 102 -10.01 -13.20 4.86
N LEU E 103 -10.93 -12.40 5.38
CA LEU E 103 -10.94 -12.15 6.81
C LEU E 103 -11.28 -13.42 7.59
N PHE E 104 -12.26 -14.21 7.13
CA PHE E 104 -12.51 -15.49 7.79
C PHE E 104 -11.37 -16.48 7.60
N GLU E 105 -10.66 -16.45 6.48
CA GLU E 105 -9.49 -17.30 6.37
C GLU E 105 -8.49 -16.98 7.47
N ASP E 106 -8.22 -15.68 7.67
CA ASP E 106 -7.31 -15.26 8.72
C ASP E 106 -7.84 -15.68 10.10
N THR E 107 -9.13 -15.52 10.33
CA THR E 107 -9.70 -15.86 11.62
C THR E 107 -9.59 -17.35 11.90
N ASN E 108 -9.85 -18.18 10.89
CA ASN E 108 -9.70 -19.61 11.04
C ASN E 108 -8.27 -19.99 11.38
N LEU E 109 -7.30 -19.37 10.71
CA LEU E 109 -5.90 -19.67 11.00
C LEU E 109 -5.55 -19.26 12.43
N ALA E 110 -6.00 -18.09 12.85
CA ALA E 110 -5.72 -17.63 14.21
C ALA E 110 -6.34 -18.55 15.25
N ALA E 111 -7.56 -19.03 14.99
CA ALA E 111 -8.20 -19.93 15.92
C ALA E 111 -7.48 -21.27 15.99
N ILE E 112 -7.09 -21.82 14.83
CA ILE E 112 -6.45 -23.13 14.85
C ILE E 112 -5.07 -23.03 15.49
N HIS E 113 -4.49 -21.83 15.53
CA HIS E 113 -3.29 -21.65 16.34
C HIS E 113 -3.56 -21.89 17.82
N ALA E 114 -4.77 -21.60 18.29
CA ALA E 114 -5.05 -21.56 19.72
C ALA E 114 -5.54 -22.89 20.26
N LYS E 115 -5.17 -23.99 19.60
CA LYS E 115 -5.52 -25.35 20.04
C LYS E 115 -7.04 -25.49 20.19
N ARG E 116 -7.77 -24.90 19.25
CA ARG E 116 -9.22 -24.90 19.26
C ARG E 116 -9.73 -25.08 17.85
N VAL E 117 -11.02 -25.39 17.74
CA VAL E 117 -11.67 -25.52 16.44
C VAL E 117 -12.71 -24.43 16.22
N THR E 118 -13.48 -24.10 17.25
CA THR E 118 -14.53 -23.10 17.12
C THR E 118 -13.95 -21.70 17.24
N ILE E 119 -14.44 -20.79 16.40
CA ILE E 119 -13.99 -19.41 16.40
C ILE E 119 -14.90 -18.57 17.30
N MET E 120 -14.31 -17.62 18.00
CA MET E 120 -14.99 -16.69 18.88
C MET E 120 -14.52 -15.27 18.58
N PRO E 121 -15.29 -14.25 18.98
CA PRO E 121 -14.96 -12.88 18.56
C PRO E 121 -13.58 -12.38 18.98
N LYS E 122 -12.95 -12.97 19.99
CA LYS E 122 -11.58 -12.58 20.28
C LYS E 122 -10.67 -12.78 19.08
N ASP E 123 -10.92 -13.85 18.30
CA ASP E 123 -10.12 -14.12 17.12
C ASP E 123 -10.33 -13.06 16.05
N ILE E 124 -11.59 -12.68 15.80
CA ILE E 124 -11.86 -11.69 14.77
C ILE E 124 -11.27 -10.34 15.16
N GLN E 125 -11.38 -9.97 16.44
CA GLN E 125 -10.79 -8.72 16.88
C GLN E 125 -9.27 -8.73 16.76
N LEU E 126 -8.64 -9.84 17.13
CA LEU E 126 -7.19 -9.93 17.02
C LEU E 126 -6.75 -9.83 15.58
N ALA E 127 -7.46 -10.52 14.67
CA ALA E 127 -7.08 -10.48 13.26
C ALA E 127 -7.24 -9.08 12.69
N ARG E 128 -8.34 -8.41 13.02
CA ARG E 128 -8.51 -7.03 12.56
C ARG E 128 -7.41 -6.14 13.08
N ARG E 129 -7.01 -6.31 14.35
CA ARG E 129 -6.02 -5.42 14.91
C ARG E 129 -4.64 -5.69 14.34
N ILE E 130 -4.30 -6.95 14.10
CA ILE E 130 -2.97 -7.26 13.58
C ILE E 130 -2.85 -6.82 12.13
N ARG E 131 -3.94 -6.93 11.36
CA ARG E 131 -3.88 -6.46 9.98
C ARG E 131 -3.75 -4.94 9.91
N GLY E 132 -4.05 -4.23 10.98
CA GLY E 132 -3.84 -2.80 11.03
C GLY E 132 -5.05 -1.94 10.75
N GLU E 133 -6.24 -2.52 10.71
CA GLU E 133 -7.45 -1.77 10.38
C GLU E 133 -8.00 -0.97 11.55
N ARG E 134 -7.58 -1.27 12.77
CA ARG E 134 -8.04 -0.59 13.98
C ARG E 134 -9.56 -0.63 14.12
N ASP F 24 -33.35 -0.85 10.35
CA ASP F 24 -32.73 -2.10 10.74
C ASP F 24 -32.51 -3.03 9.55
N ASN F 25 -32.16 -2.44 8.41
CA ASN F 25 -31.96 -3.21 7.20
C ASN F 25 -30.72 -4.09 7.28
N ILE F 26 -29.80 -3.80 8.19
CA ILE F 26 -28.55 -4.55 8.29
C ILE F 26 -28.79 -6.00 8.65
N GLN F 27 -29.92 -6.31 9.29
CA GLN F 27 -30.25 -7.69 9.61
C GLN F 27 -30.75 -8.46 8.40
N GLY F 28 -30.70 -7.87 7.20
CA GLY F 28 -31.01 -8.62 6.00
C GLY F 28 -29.94 -9.59 5.58
N ILE F 29 -28.73 -9.47 6.14
CA ILE F 29 -27.66 -10.42 5.88
C ILE F 29 -27.92 -11.61 6.80
N THR F 30 -28.53 -12.66 6.25
CA THR F 30 -29.07 -13.74 7.06
C THR F 30 -27.94 -14.60 7.64
N LYS F 31 -28.32 -15.40 8.63
CA LYS F 31 -27.42 -16.41 9.18
C LYS F 31 -26.90 -17.40 8.16
N PRO F 32 -27.73 -18.00 7.28
CA PRO F 32 -27.17 -18.93 6.29
C PRO F 32 -26.15 -18.31 5.37
N ALA F 33 -26.32 -17.03 4.99
CA ALA F 33 -25.33 -16.40 4.13
C ALA F 33 -23.99 -16.28 4.82
N ILE F 34 -23.98 -15.89 6.09
CA ILE F 34 -22.74 -15.85 6.85
C ILE F 34 -22.14 -17.23 6.93
N ARG F 35 -22.99 -18.25 7.10
CA ARG F 35 -22.50 -19.62 7.14
C ARG F 35 -21.82 -20.00 5.82
N ARG F 36 -22.43 -19.65 4.69
CA ARG F 36 -21.85 -19.98 3.40
C ARG F 36 -20.51 -19.30 3.19
N LEU F 37 -20.44 -18.00 3.53
CA LEU F 37 -19.16 -17.30 3.39
C LEU F 37 -18.09 -17.89 4.30
N ALA F 38 -18.46 -18.24 5.53
CA ALA F 38 -17.49 -18.85 6.43
C ALA F 38 -17.02 -20.19 5.89
N ARG F 39 -17.93 -20.99 5.33
CA ARG F 39 -17.54 -22.27 4.75
C ARG F 39 -16.61 -22.07 3.57
N ARG F 40 -16.90 -21.11 2.70
CA ARG F 40 -16.01 -20.81 1.58
C ARG F 40 -14.64 -20.37 2.09
N GLY F 41 -14.61 -19.65 3.20
CA GLY F 41 -13.34 -19.34 3.82
C GLY F 41 -12.58 -20.57 4.26
N GLY F 42 -13.28 -21.61 4.70
CA GLY F 42 -12.63 -22.84 5.08
C GLY F 42 -12.59 -23.07 6.58
N VAL F 43 -13.67 -22.73 7.26
CA VAL F 43 -13.78 -22.93 8.69
C VAL F 43 -14.81 -24.03 8.93
N LYS F 44 -14.74 -24.67 10.10
CA LYS F 44 -15.54 -25.86 10.37
C LYS F 44 -16.65 -25.64 11.39
N ARG F 45 -16.39 -24.98 12.51
CA ARG F 45 -17.38 -24.81 13.55
C ARG F 45 -17.37 -23.37 14.04
N ILE F 46 -18.55 -22.75 14.02
CA ILE F 46 -18.63 -21.31 14.36
C ILE F 46 -19.53 -21.10 15.59
N SER F 47 -19.10 -20.24 16.51
CA SER F 47 -19.87 -19.91 17.71
C SER F 47 -20.98 -18.92 17.37
N GLY F 48 -21.85 -18.69 18.35
CA GLY F 48 -23.06 -17.93 18.09
C GLY F 48 -22.85 -16.43 17.97
N LEU F 49 -21.82 -15.90 18.62
CA LEU F 49 -21.68 -14.45 18.73
C LEU F 49 -20.96 -13.81 17.55
N ILE F 50 -20.54 -14.59 16.56
CA ILE F 50 -19.76 -14.05 15.44
C ILE F 50 -20.62 -13.13 14.58
N TYR F 51 -21.91 -13.41 14.52
CA TYR F 51 -22.81 -12.79 13.54
C TYR F 51 -22.84 -11.28 13.68
N GLU F 52 -22.98 -10.79 14.91
CA GLU F 52 -23.03 -9.35 15.14
C GLU F 52 -21.73 -8.68 14.73
N GLU F 53 -20.60 -9.31 15.05
CA GLU F 53 -19.30 -8.74 14.71
C GLU F 53 -19.14 -8.63 13.19
N THR F 54 -19.54 -9.67 12.47
CA THR F 54 -19.48 -9.62 11.01
C THR F 54 -20.38 -8.52 10.45
N ARG F 55 -21.61 -8.44 10.97
CA ARG F 55 -22.52 -7.41 10.51
C ARG F 55 -22.03 -6.01 10.81
N GLY F 56 -21.21 -5.86 11.84
CA GLY F 56 -20.61 -4.56 12.12
C GLY F 56 -19.45 -4.22 11.20
N VAL F 57 -18.53 -5.17 11.02
CA VAL F 57 -17.34 -4.89 10.23
C VAL F 57 -17.70 -4.65 8.77
N LEU F 58 -18.66 -5.41 8.25
CA LEU F 58 -19.09 -5.18 6.86
C LEU F 58 -19.71 -3.80 6.72
N LYS F 59 -20.50 -3.38 7.70
CA LYS F 59 -21.10 -2.05 7.67
C LYS F 59 -20.03 -0.98 7.63
N VAL F 60 -18.98 -1.14 8.44
CA VAL F 60 -17.89 -0.17 8.46
C VAL F 60 -17.19 -0.11 7.10
N PHE F 61 -16.95 -1.27 6.50
CA PHE F 61 -16.27 -1.31 5.21
C PHE F 61 -17.08 -0.61 4.13
N LEU F 62 -18.39 -0.88 4.10
CA LEU F 62 -19.25 -0.18 3.13
C LEU F 62 -19.28 1.32 3.38
N GLU F 63 -19.29 1.75 4.64
CA GLU F 63 -19.17 3.18 4.91
C GLU F 63 -17.92 3.76 4.26
N ASN F 64 -16.78 3.12 4.52
CA ASN F 64 -15.51 3.65 4.05
C ASN F 64 -15.41 3.66 2.52
N VAL F 65 -16.09 2.75 1.84
CA VAL F 65 -16.05 2.77 0.37
C VAL F 65 -17.02 3.80 -0.19
N ILE F 66 -18.27 3.78 0.29
CA ILE F 66 -19.30 4.63 -0.27
C ILE F 66 -18.98 6.10 -0.08
N ARG F 67 -18.30 6.45 1.02
CA ARG F 67 -17.95 7.86 1.23
C ARG F 67 -17.12 8.39 0.06
N ASP F 68 -16.04 7.68 -0.29
CA ASP F 68 -15.18 8.11 -1.38
C ASP F 68 -15.91 8.06 -2.72
N ALA F 69 -16.72 7.02 -2.92
CA ALA F 69 -17.45 6.91 -4.18
C ALA F 69 -18.40 8.09 -4.38
N VAL F 70 -19.14 8.46 -3.32
CA VAL F 70 -20.05 9.60 -3.41
C VAL F 70 -19.28 10.88 -3.65
N THR F 71 -18.11 11.02 -3.01
CA THR F 71 -17.29 12.21 -3.27
C THR F 71 -16.93 12.31 -4.75
N TYR F 72 -16.45 11.21 -5.33
CA TYR F 72 -16.06 11.23 -6.74
C TYR F 72 -17.24 11.57 -7.64
N THR F 73 -18.40 10.96 -7.38
CA THR F 73 -19.56 11.24 -8.22
C THR F 73 -20.04 12.68 -8.06
N GLU F 74 -19.99 13.21 -6.83
CA GLU F 74 -20.44 14.57 -6.59
C GLU F 74 -19.54 15.56 -7.32
N HIS F 75 -18.25 15.26 -7.42
CA HIS F 75 -17.33 16.24 -8.02
C HIS F 75 -17.67 16.54 -9.47
N ALA F 76 -18.10 15.52 -10.22
CA ALA F 76 -18.32 15.69 -11.65
C ALA F 76 -19.71 16.23 -11.99
N LYS F 77 -20.41 16.84 -11.03
CA LYS F 77 -21.74 17.39 -11.22
C LYS F 77 -22.74 16.34 -11.70
N ARG F 78 -22.58 15.10 -11.25
CA ARG F 78 -23.51 14.05 -11.59
C ARG F 78 -24.35 13.66 -10.39
N LYS F 79 -25.42 12.92 -10.66
CA LYS F 79 -26.27 12.38 -9.63
C LYS F 79 -26.46 10.88 -9.74
N THR F 80 -25.77 10.23 -10.67
CA THR F 80 -25.78 8.79 -10.82
C THR F 80 -24.37 8.25 -10.61
N VAL F 81 -24.26 7.18 -9.83
CA VAL F 81 -22.97 6.61 -9.46
C VAL F 81 -22.64 5.49 -10.44
N THR F 82 -21.69 5.73 -11.34
CA THR F 82 -21.25 4.71 -12.27
C THR F 82 -20.23 3.79 -11.63
N ALA F 83 -20.03 2.63 -12.24
CA ALA F 83 -19.20 1.59 -11.64
C ALA F 83 -17.72 1.95 -11.65
N MET F 84 -17.27 2.71 -12.65
CA MET F 84 -15.86 3.09 -12.72
C MET F 84 -15.48 3.94 -11.52
N ASP F 85 -16.39 4.77 -11.03
CA ASP F 85 -16.11 5.56 -9.85
C ASP F 85 -15.88 4.66 -8.65
N VAL F 86 -16.67 3.60 -8.52
CA VAL F 86 -16.44 2.62 -7.48
C VAL F 86 -15.09 1.94 -7.67
N VAL F 87 -14.70 1.68 -8.93
CA VAL F 87 -13.40 1.05 -9.18
C VAL F 87 -12.27 1.95 -8.70
N TYR F 88 -12.39 3.25 -8.96
CA TYR F 88 -11.39 4.23 -8.45
C TYR F 88 -11.40 4.23 -6.94
N ALA F 89 -12.60 4.20 -6.36
CA ALA F 89 -12.70 4.27 -4.90
C ALA F 89 -12.02 3.08 -4.24
N LEU F 90 -12.21 1.88 -4.78
CA LEU F 90 -11.47 0.73 -4.28
C LEU F 90 -9.98 0.87 -4.56
N LYS F 91 -9.62 1.49 -5.69
CA LYS F 91 -8.21 1.72 -5.97
C LYS F 91 -7.57 2.61 -4.90
N ARG F 92 -8.37 3.45 -4.25
CA ARG F 92 -7.83 4.29 -3.19
C ARG F 92 -7.23 3.48 -2.05
N GLN F 93 -7.91 2.43 -1.62
CA GLN F 93 -7.37 1.61 -0.55
C GLN F 93 -6.37 0.57 -1.05
N GLY F 94 -6.13 0.51 -2.36
CA GLY F 94 -5.23 -0.49 -2.89
C GLY F 94 -5.90 -1.85 -2.95
N ARG F 95 -7.08 -1.89 -3.56
CA ARG F 95 -7.79 -3.14 -3.78
C ARG F 95 -7.84 -3.54 -5.25
N THR F 96 -7.95 -2.56 -6.15
CA THR F 96 -7.74 -2.75 -7.59
C THR F 96 -8.65 -3.85 -8.14
N LEU F 97 -9.95 -3.57 -8.09
CA LEU F 97 -10.93 -4.52 -8.61
C LEU F 97 -10.77 -4.66 -10.11
N TYR F 98 -10.79 -5.90 -10.58
CA TYR F 98 -10.69 -6.22 -11.99
C TYR F 98 -12.07 -6.49 -12.57
N GLY F 99 -12.13 -6.61 -13.90
CA GLY F 99 -13.41 -6.81 -14.54
C GLY F 99 -14.01 -5.55 -15.11
N PHE F 100 -14.90 -4.93 -14.33
CA PHE F 100 -15.64 -3.76 -14.79
C PHE F 100 -14.70 -2.65 -15.22
N GLY F 101 -15.03 -2.04 -16.36
CA GLY F 101 -14.21 -0.95 -16.90
C GLY F 101 -12.85 -1.41 -17.37
N THR G 16 3.74 41.64 -2.29
CA THR G 16 3.82 40.19 -2.43
C THR G 16 2.43 39.56 -2.34
N ARG G 17 2.22 38.51 -3.14
CA ARG G 17 0.92 37.84 -3.13
C ARG G 17 0.62 37.17 -1.81
N SER G 18 1.65 36.72 -1.10
CA SER G 18 1.44 36.03 0.17
C SER G 18 0.77 36.95 1.19
N SER G 19 1.21 38.20 1.26
CA SER G 19 0.59 39.14 2.18
C SER G 19 -0.79 39.59 1.70
N ARG G 20 -1.09 39.42 0.42
CA ARG G 20 -2.40 39.82 -0.08
C ARG G 20 -3.50 38.94 0.49
N ALA G 21 -3.19 37.67 0.74
CA ALA G 21 -4.12 36.79 1.44
C ALA G 21 -3.83 36.69 2.92
N GLY G 22 -2.77 37.34 3.40
CA GLY G 22 -2.48 37.35 4.82
C GLY G 22 -1.96 36.05 5.38
N LEU G 23 -1.27 35.26 4.57
CA LEU G 23 -0.66 34.02 5.02
C LEU G 23 0.83 34.21 5.21
N GLN G 24 1.52 33.10 5.49
CA GLN G 24 2.97 33.12 5.64
C GLN G 24 3.69 32.29 4.60
N PHE G 25 3.08 31.22 4.10
CA PHE G 25 3.75 30.39 3.10
C PHE G 25 3.74 31.09 1.74
N PRO G 26 4.77 30.88 0.94
CA PRO G 26 4.93 31.67 -0.29
C PRO G 26 4.07 31.13 -1.44
N VAL G 27 3.38 32.04 -2.12
CA VAL G 27 2.61 31.64 -3.29
C VAL G 27 3.55 31.35 -4.46
N GLY G 28 4.63 32.10 -4.58
CA GLY G 28 5.51 31.94 -5.74
C GLY G 28 6.21 30.59 -5.79
N ARG G 29 6.70 30.12 -4.63
CA ARG G 29 7.42 28.85 -4.60
C ARG G 29 6.51 27.69 -4.96
N VAL G 30 5.33 27.64 -4.34
CA VAL G 30 4.39 26.56 -4.65
C VAL G 30 3.90 26.69 -6.09
N HIS G 31 3.81 27.91 -6.60
CA HIS G 31 3.41 28.10 -7.99
C HIS G 31 4.44 27.50 -8.96
N ARG G 32 5.71 27.82 -8.75
CA ARG G 32 6.72 27.25 -9.66
C ARG G 32 6.84 25.75 -9.47
N LEU G 33 6.68 25.26 -8.24
CA LEU G 33 6.67 23.82 -8.03
C LEU G 33 5.52 23.16 -8.79
N LEU G 34 4.34 23.77 -8.76
CA LEU G 34 3.20 23.18 -9.45
C LEU G 34 3.39 23.19 -10.96
N ARG G 35 3.96 24.27 -11.50
CA ARG G 35 4.15 24.31 -12.95
C ARG G 35 5.28 23.39 -13.40
N LYS G 36 6.40 23.39 -12.67
CA LYS G 36 7.56 22.61 -13.05
C LYS G 36 7.40 21.13 -12.74
N GLY G 37 6.60 20.78 -11.74
CA GLY G 37 6.41 19.39 -11.39
C GLY G 37 5.67 18.57 -12.42
N ASN G 38 5.12 19.22 -13.44
CA ASN G 38 4.58 18.55 -14.62
C ASN G 38 3.39 17.66 -14.27
N TYR G 39 2.52 18.16 -13.38
CA TYR G 39 1.31 17.40 -13.00
C TYR G 39 0.23 17.63 -14.06
N ALA G 40 0.15 18.85 -14.60
CA ALA G 40 -0.92 19.17 -15.54
C ALA G 40 -0.41 20.21 -16.51
N GLU G 41 -1.15 20.38 -17.61
CA GLU G 41 -0.73 21.31 -18.64
C GLU G 41 -0.78 22.75 -18.15
N ARG G 42 -1.90 23.13 -17.52
CA ARG G 42 -2.13 24.52 -17.16
C ARG G 42 -2.60 24.59 -15.72
N VAL G 43 -2.28 25.70 -15.06
CA VAL G 43 -2.63 25.88 -13.66
C VAL G 43 -3.54 27.09 -13.53
N GLY G 44 -4.36 27.07 -12.48
CA GLY G 44 -5.29 28.14 -12.20
C GLY G 44 -4.63 29.30 -11.52
N ALA G 45 -5.43 30.07 -10.76
CA ALA G 45 -4.92 31.23 -10.06
C ALA G 45 -5.01 31.14 -8.55
N GLY G 46 -6.14 30.67 -8.00
CA GLY G 46 -6.32 30.67 -6.56
C GLY G 46 -5.87 29.38 -5.91
N ALA G 47 -5.61 28.37 -6.74
CA ALA G 47 -5.23 27.06 -6.22
C ALA G 47 -3.97 27.08 -5.36
N PRO G 48 -2.86 27.70 -5.78
CA PRO G 48 -1.68 27.72 -4.89
C PRO G 48 -1.96 28.39 -3.56
N VAL G 49 -2.80 29.41 -3.55
CA VAL G 49 -3.20 30.05 -2.31
C VAL G 49 -3.89 29.05 -1.40
N TYR G 50 -4.78 28.24 -2.00
CA TYR G 50 -5.53 27.23 -1.21
C TYR G 50 -4.51 26.27 -0.58
N LEU G 51 -3.59 25.77 -1.39
CA LEU G 51 -2.53 24.91 -0.82
C LEU G 51 -1.80 25.60 0.31
N ALA G 52 -1.45 26.87 0.14
CA ALA G 52 -0.73 27.57 1.19
C ALA G 52 -1.55 27.58 2.47
N ALA G 53 -2.86 27.78 2.34
CA ALA G 53 -3.74 27.78 3.50
C ALA G 53 -3.74 26.42 4.20
N VAL G 54 -3.92 25.34 3.43
CA VAL G 54 -4.02 24.03 4.08
C VAL G 54 -2.70 23.65 4.74
N LEU G 55 -1.58 23.94 4.07
CA LEU G 55 -0.28 23.64 4.66
C LEU G 55 -0.06 24.46 5.93
N GLU G 56 -0.47 25.73 5.92
CA GLU G 56 -0.36 26.55 7.11
C GLU G 56 -1.16 25.95 8.25
N TYR G 57 -2.38 25.48 7.97
CA TYR G 57 -3.21 24.88 9.00
C TYR G 57 -2.55 23.65 9.60
N LEU G 58 -2.05 22.75 8.75
CA LEU G 58 -1.44 21.52 9.23
C LEU G 58 -0.20 21.82 10.08
N THR G 59 0.69 22.68 9.57
CA THR G 59 1.89 22.99 10.32
C THR G 59 1.56 23.68 11.64
N ALA G 60 0.60 24.60 11.64
CA ALA G 60 0.25 25.30 12.86
C ALA G 60 -0.25 24.33 13.92
N GLU G 61 -1.17 23.42 13.54
CA GLU G 61 -1.72 22.51 14.54
C GLU G 61 -0.65 21.55 15.06
N ILE G 62 0.20 21.03 14.16
CA ILE G 62 1.19 20.07 14.63
C ILE G 62 2.23 20.77 15.51
N LEU G 63 2.58 22.01 15.19
CA LEU G 63 3.54 22.73 16.02
C LEU G 63 2.96 23.06 17.39
N GLU G 64 1.69 23.46 17.46
CA GLU G 64 1.12 23.76 18.77
C GLU G 64 1.02 22.50 19.61
N LEU G 65 0.68 21.36 18.98
CA LEU G 65 0.63 20.11 19.72
C LEU G 65 2.00 19.72 20.25
N ALA G 66 3.03 19.86 19.41
CA ALA G 66 4.38 19.53 19.84
C ALA G 66 4.85 20.45 20.96
N GLY G 67 4.53 21.75 20.85
CA GLY G 67 4.91 22.67 21.90
C GLY G 67 4.23 22.37 23.22
N ASN G 68 2.95 21.99 23.17
CA ASN G 68 2.26 21.60 24.39
C ASN G 68 2.92 20.38 25.02
N ALA G 69 3.21 19.37 24.19
CA ALA G 69 3.87 18.17 24.72
C ALA G 69 5.24 18.49 25.28
N ALA G 70 5.94 19.45 24.69
CA ALA G 70 7.27 19.82 25.17
C ALA G 70 7.20 20.54 26.50
N ARG G 71 6.29 21.51 26.62
CA ARG G 71 6.15 22.20 27.90
C ARG G 71 5.57 21.30 28.98
N ASP G 72 4.92 20.20 28.60
CA ASP G 72 4.52 19.21 29.60
C ASP G 72 5.72 18.49 30.22
N ASN G 73 6.89 18.58 29.59
CA ASN G 73 8.11 17.96 30.12
C ASN G 73 9.10 18.99 30.66
N LYS G 74 8.61 20.19 30.97
CA LYS G 74 9.43 21.27 31.53
C LYS G 74 10.62 21.60 30.63
N LYS G 75 10.38 21.60 29.32
CA LYS G 75 11.39 21.88 28.31
C LYS G 75 10.94 23.04 27.45
N THR G 76 11.89 23.87 27.01
CA THR G 76 11.61 25.00 26.13
C THR G 76 12.15 24.78 24.73
N ARG G 77 12.49 23.55 24.38
CA ARG G 77 12.97 23.24 23.05
C ARG G 77 12.29 21.98 22.53
N ILE G 78 12.06 21.95 21.23
CA ILE G 78 11.41 20.81 20.60
C ILE G 78 12.48 19.78 20.22
N ILE G 79 12.23 18.53 20.59
CA ILE G 79 13.09 17.41 20.20
C ILE G 79 12.20 16.39 19.50
N PRO G 80 12.79 15.55 18.65
CA PRO G 80 11.97 14.56 17.93
C PRO G 80 11.19 13.62 18.82
N ARG G 81 11.64 13.38 20.05
CA ARG G 81 10.83 12.62 20.99
C ARG G 81 9.50 13.30 21.27
N HIS G 82 9.53 14.62 21.43
CA HIS G 82 8.28 15.37 21.61
C HIS G 82 7.38 15.22 20.39
N LEU G 83 7.97 15.27 19.20
CA LEU G 83 7.19 15.13 17.98
C LEU G 83 6.54 13.75 17.91
N GLN G 84 7.30 12.71 18.23
CA GLN G 84 6.73 11.35 18.22
C GLN G 84 5.55 11.31 19.21
N LEU G 85 5.79 11.74 20.44
CA LEU G 85 4.74 11.68 21.46
C LEU G 85 3.49 12.44 21.02
N ALA G 86 3.68 13.61 20.40
CA ALA G 86 2.53 14.38 19.94
C ALA G 86 1.80 13.67 18.81
N ILE G 87 2.55 13.17 17.83
CA ILE G 87 1.93 12.53 16.64
C ILE G 87 1.13 11.29 17.09
N ARG G 88 1.71 10.49 18.00
CA ARG G 88 1.05 9.24 18.36
C ARG G 88 -0.11 9.43 19.33
N ASN G 89 -0.27 10.63 19.90
CA ASN G 89 -1.28 10.83 20.94
C ASN G 89 -2.61 11.34 20.40
N ASP G 90 -2.70 11.65 19.11
CA ASP G 90 -3.94 12.12 18.51
C ASP G 90 -4.52 11.01 17.63
N GLU G 91 -5.82 10.77 17.76
CA GLU G 91 -6.44 9.72 16.98
C GLU G 91 -6.49 10.04 15.50
N GLU G 92 -6.75 11.29 15.14
CA GLU G 92 -6.84 11.65 13.73
C GLU G 92 -5.46 11.72 13.08
N LEU G 93 -4.48 12.30 13.77
CA LEU G 93 -3.14 12.38 13.22
C LEU G 93 -2.50 11.01 13.07
N ASN G 94 -2.76 10.10 14.01
CA ASN G 94 -2.25 8.74 13.89
C ASN G 94 -2.83 8.04 12.65
N LYS G 95 -4.06 8.38 12.27
CA LYS G 95 -4.65 7.78 11.09
C LYS G 95 -3.97 8.23 9.82
N LEU G 96 -3.58 9.51 9.74
CA LEU G 96 -2.94 10.02 8.54
C LEU G 96 -1.53 9.49 8.34
N LEU G 97 -0.77 9.34 9.43
CA LEU G 97 0.63 8.95 9.35
C LEU G 97 0.85 7.60 10.02
N GLY G 98 -0.04 6.65 9.74
CA GLY G 98 0.09 5.34 10.36
C GLY G 98 1.31 4.56 9.90
N LYS G 99 1.65 4.69 8.62
CA LYS G 99 2.63 3.80 7.98
C LYS G 99 4.00 4.44 7.83
N VAL G 100 4.42 5.32 8.75
CA VAL G 100 5.67 6.04 8.60
C VAL G 100 6.48 5.92 9.90
N THR G 101 7.79 5.81 9.75
CA THR G 101 8.72 5.74 10.88
C THR G 101 9.47 7.06 10.99
N ILE G 102 9.55 7.59 12.20
CA ILE G 102 10.20 8.87 12.47
C ILE G 102 11.60 8.58 13.02
N ALA G 103 12.60 9.24 12.45
CA ALA G 103 13.98 9.03 12.88
C ALA G 103 14.19 9.51 14.31
N GLN G 104 14.82 8.65 15.12
CA GLN G 104 15.17 8.98 16.50
C GLN G 104 13.95 9.40 17.32
N GLY G 105 12.83 8.75 17.07
CA GLY G 105 11.59 9.16 17.69
C GLY G 105 11.15 8.34 18.89
N GLY G 106 11.55 7.09 18.95
CA GLY G 106 11.13 6.25 20.05
C GLY G 106 9.66 5.83 19.91
N VAL G 107 9.16 5.20 20.96
CA VAL G 107 7.82 4.63 20.99
C VAL G 107 7.15 5.04 22.30
N LEU G 108 5.85 5.33 22.23
CA LEU G 108 5.11 5.67 23.44
C LEU G 108 5.07 4.48 24.39
N PRO G 109 5.02 4.71 25.70
CA PRO G 109 5.05 3.60 26.66
C PRO G 109 3.73 2.87 26.72
N ASN G 110 3.79 1.53 26.71
CA ASN G 110 2.60 0.70 26.86
C ASN G 110 3.01 -0.66 27.42
N ILE G 111 2.25 -1.14 28.39
CA ILE G 111 2.47 -2.45 28.99
C ILE G 111 1.12 -3.15 29.09
N GLN G 112 1.05 -4.40 28.63
CA GLN G 112 -0.18 -5.15 28.70
C GLN G 112 -0.51 -5.53 30.14
N ALA G 113 -1.81 -5.58 30.45
CA ALA G 113 -2.25 -5.75 31.82
C ALA G 113 -2.02 -7.16 32.35
N VAL G 114 -2.08 -8.18 31.49
CA VAL G 114 -1.90 -9.55 31.94
C VAL G 114 -0.49 -9.75 32.48
N LEU G 115 0.49 -9.05 31.91
CA LEU G 115 1.87 -9.19 32.35
C LEU G 115 2.04 -8.73 33.79
N LEU G 116 1.38 -7.65 34.18
CA LEU G 116 1.50 -7.14 35.54
C LEU G 116 0.88 -8.12 36.53
N PRO G 117 1.56 -8.42 37.65
CA PRO G 117 1.08 -9.37 38.66
C PRO G 117 -0.07 -8.82 39.49
N GLU H 35 17.65 24.44 -0.49
CA GLU H 35 16.43 25.23 -0.68
C GLU H 35 15.29 24.61 0.12
N SER H 36 14.89 25.27 1.21
CA SER H 36 13.96 24.68 2.16
C SER H 36 12.95 25.72 2.61
N TYR H 37 12.08 25.30 3.53
CA TYR H 37 11.04 26.13 4.12
C TYR H 37 11.41 26.57 5.52
N SER H 38 12.67 26.96 5.73
CA SER H 38 13.23 27.02 7.08
C SER H 38 12.58 28.12 7.92
N VAL H 39 12.59 29.35 7.42
CA VAL H 39 12.19 30.47 8.25
C VAL H 39 10.67 30.51 8.40
N TYR H 40 9.94 29.92 7.45
CA TYR H 40 8.49 30.03 7.46
C TYR H 40 7.88 29.26 8.63
N VAL H 41 8.35 28.04 8.86
CA VAL H 41 7.86 27.28 10.00
C VAL H 41 8.26 27.97 11.30
N TYR H 42 9.43 28.60 11.32
CA TYR H 42 9.86 29.33 12.51
C TYR H 42 8.96 30.51 12.79
N LYS H 43 8.54 31.23 11.74
CA LYS H 43 7.62 32.35 11.93
C LYS H 43 6.26 31.87 12.40
N VAL H 44 5.78 30.75 11.86
CA VAL H 44 4.51 30.20 12.32
C VAL H 44 4.60 29.82 13.79
N LEU H 45 5.71 29.23 14.19
CA LEU H 45 5.90 28.88 15.60
C LEU H 45 5.90 30.14 16.47
N LYS H 46 6.56 31.20 15.99
CA LYS H 46 6.56 32.45 16.74
C LYS H 46 5.14 33.00 16.88
N GLN H 47 4.32 32.82 15.85
CA GLN H 47 2.91 33.20 15.96
C GLN H 47 2.19 32.38 17.02
N VAL H 48 2.43 31.07 17.07
CA VAL H 48 1.68 30.23 17.98
C VAL H 48 2.35 30.11 19.35
N HIS H 49 3.67 30.03 19.40
CA HIS H 49 4.39 29.83 20.67
C HIS H 49 5.60 30.74 20.69
N PRO H 50 5.48 31.93 21.26
CA PRO H 50 6.56 32.92 21.18
C PRO H 50 7.76 32.63 22.06
N ASP H 51 7.80 31.50 22.77
CA ASP H 51 8.86 31.26 23.74
C ASP H 51 9.40 29.84 23.70
N THR H 52 9.46 29.23 22.51
CA THR H 52 9.94 27.86 22.37
C THR H 52 10.86 27.77 21.17
N GLY H 53 11.85 26.88 21.26
CA GLY H 53 12.78 26.62 20.18
C GLY H 53 12.67 25.21 19.64
N ILE H 54 13.36 24.99 18.52
CA ILE H 54 13.39 23.71 17.83
C ILE H 54 14.82 23.36 17.48
N SER H 55 15.09 22.07 17.32
CA SER H 55 16.39 21.58 16.87
C SER H 55 16.45 21.59 15.34
N SER H 56 17.65 21.34 14.82
CA SER H 56 17.80 21.18 13.37
C SER H 56 17.09 19.94 12.88
N LYS H 57 17.13 18.87 13.69
CA LYS H 57 16.46 17.63 13.28
C LYS H 57 14.95 17.83 13.17
N ALA H 58 14.36 18.60 14.10
CA ALA H 58 12.96 18.95 13.98
C ALA H 58 12.71 19.76 12.71
N MET H 59 13.65 20.63 12.34
CA MET H 59 13.53 21.39 11.10
C MET H 59 13.48 20.46 9.89
N GLY H 60 14.37 19.46 9.86
CA GLY H 60 14.35 18.51 8.77
C GLY H 60 13.07 17.71 8.73
N ILE H 61 12.57 17.30 9.90
CA ILE H 61 11.32 16.56 9.94
C ILE H 61 10.19 17.40 9.38
N MET H 62 10.12 18.67 9.77
CA MET H 62 9.08 19.56 9.23
C MET H 62 9.21 19.70 7.71
N ASN H 63 10.42 19.94 7.24
CA ASN H 63 10.62 20.13 5.76
C ASN H 63 10.14 18.89 5.03
N SER H 64 10.60 17.71 5.44
CA SER H 64 10.25 16.48 4.76
C SER H 64 8.75 16.20 4.85
N PHE H 65 8.14 16.48 6.00
CA PHE H 65 6.71 16.25 6.16
C PHE H 65 5.90 17.14 5.24
N VAL H 66 6.27 18.42 5.16
CA VAL H 66 5.56 19.33 4.28
C VAL H 66 5.72 18.91 2.82
N ASN H 67 6.93 18.50 2.45
CA ASN H 67 7.16 18.04 1.08
C ASN H 67 6.30 16.82 0.76
N ASP H 68 6.21 15.88 1.71
CA ASP H 68 5.42 14.67 1.48
C ASP H 68 3.94 15.00 1.31
N ILE H 69 3.40 15.84 2.19
CA ILE H 69 1.99 16.20 2.09
C ILE H 69 1.71 16.93 0.79
N PHE H 70 2.60 17.85 0.42
CA PHE H 70 2.44 18.56 -0.85
C PHE H 70 2.46 17.59 -2.03
N GLU H 71 3.36 16.61 -1.99
CA GLU H 71 3.42 15.63 -3.07
C GLU H 71 2.13 14.84 -3.17
N ARG H 72 1.59 14.39 -2.03
CA ARG H 72 0.35 13.64 -2.04
C ARG H 72 -0.78 14.46 -2.63
N ILE H 73 -0.93 15.70 -2.18
CA ILE H 73 -2.04 16.53 -2.64
C ILE H 73 -1.90 16.82 -4.13
N ALA H 74 -0.70 17.17 -4.58
CA ALA H 74 -0.51 17.49 -5.99
C ALA H 74 -0.76 16.27 -6.87
N GLY H 75 -0.26 15.10 -6.46
CA GLY H 75 -0.48 13.90 -7.25
C GLY H 75 -1.95 13.54 -7.36
N GLU H 76 -2.67 13.61 -6.23
CA GLU H 76 -4.09 13.29 -6.27
C GLU H 76 -4.84 14.30 -7.14
N ALA H 77 -4.49 15.58 -7.05
CA ALA H 77 -5.13 16.59 -7.88
C ALA H 77 -4.90 16.32 -9.36
N SER H 78 -3.66 15.98 -9.73
CA SER H 78 -3.36 15.71 -11.13
C SER H 78 -4.14 14.50 -11.62
N ARG H 79 -4.16 13.42 -10.82
CA ARG H 79 -4.86 12.21 -11.22
C ARG H 79 -6.34 12.49 -11.41
N LEU H 80 -6.94 13.24 -10.49
CA LEU H 80 -8.36 13.55 -10.63
C LEU H 80 -8.61 14.46 -11.82
N ALA H 81 -7.69 15.38 -12.12
CA ALA H 81 -7.87 16.27 -13.26
C ALA H 81 -7.85 15.50 -14.57
N HIS H 82 -6.99 14.49 -14.68
CA HIS H 82 -7.04 13.63 -15.86
C HIS H 82 -8.33 12.82 -15.91
N TYR H 83 -8.83 12.40 -14.75
CA TYR H 83 -10.01 11.49 -14.71
C TYR H 83 -11.20 12.04 -15.47
N ASN H 84 -11.42 13.36 -15.45
CA ASN H 84 -12.63 13.93 -16.02
C ASN H 84 -12.40 14.51 -17.40
N LYS H 85 -11.30 14.14 -18.05
CA LYS H 85 -10.88 14.72 -19.33
C LYS H 85 -10.81 16.24 -19.24
N ARG H 86 -10.28 16.72 -18.12
CA ARG H 86 -10.18 18.13 -17.85
C ARG H 86 -8.77 18.52 -18.27
N SER H 87 -8.43 19.82 -18.25
CA SER H 87 -7.06 20.21 -18.73
C SER H 87 -6.37 21.18 -17.77
N THR H 88 -7.04 21.65 -16.71
CA THR H 88 -6.42 22.62 -15.82
C THR H 88 -6.63 22.20 -14.37
N ILE H 89 -5.84 22.78 -13.48
CA ILE H 89 -5.97 22.58 -12.05
C ILE H 89 -6.67 23.80 -11.46
N THR H 90 -7.86 23.60 -10.90
CA THR H 90 -8.64 24.68 -10.32
C THR H 90 -8.83 24.43 -8.83
N SER H 91 -9.58 25.31 -8.19
CA SER H 91 -9.81 25.18 -6.75
C SER H 91 -10.65 23.97 -6.42
N ARG H 92 -11.61 23.63 -7.28
CA ARG H 92 -12.50 22.51 -7.01
C ARG H 92 -11.72 21.21 -6.90
N GLU H 93 -10.75 21.01 -7.79
CA GLU H 93 -9.99 19.76 -7.81
C GLU H 93 -9.24 19.58 -6.49
N ILE H 94 -8.57 20.62 -6.03
CA ILE H 94 -7.76 20.50 -4.83
C ILE H 94 -8.64 20.40 -3.60
N GLN H 95 -9.78 21.10 -3.60
CA GLN H 95 -10.72 20.94 -2.50
C GLN H 95 -11.22 19.51 -2.42
N THR H 96 -11.52 18.90 -3.57
CA THR H 96 -11.92 17.50 -3.58
C THR H 96 -10.80 16.60 -3.09
N ALA H 97 -9.55 16.87 -3.49
CA ALA H 97 -8.45 16.04 -3.04
C ALA H 97 -8.27 16.15 -1.53
N VAL H 98 -8.37 17.36 -0.98
CA VAL H 98 -8.23 17.54 0.45
C VAL H 98 -9.35 16.82 1.18
N ARG H 99 -10.57 16.86 0.61
CA ARG H 99 -11.66 16.08 1.18
C ARG H 99 -11.35 14.59 1.14
N LEU H 100 -10.67 14.13 0.10
CA LEU H 100 -10.41 12.71 -0.07
C LEU H 100 -9.33 12.18 0.86
N LEU H 101 -8.27 12.95 1.10
CA LEU H 101 -7.13 12.42 1.82
C LEU H 101 -7.27 12.56 3.34
N LEU H 102 -7.53 13.77 3.82
CA LEU H 102 -7.55 14.00 5.26
C LEU H 102 -8.72 13.26 5.91
N PRO H 103 -8.60 12.89 7.18
CA PRO H 103 -9.73 12.28 7.89
C PRO H 103 -10.86 13.26 8.11
N GLY H 104 -11.99 12.77 8.63
CA GLY H 104 -13.23 13.52 8.67
C GLY H 104 -13.20 14.88 9.32
N GLU H 105 -12.77 14.95 10.58
CA GLU H 105 -12.92 16.20 11.34
C GLU H 105 -11.99 17.27 10.81
N LEU H 106 -10.77 16.90 10.40
CA LEU H 106 -9.82 17.90 9.94
C LEU H 106 -10.24 18.51 8.60
N ALA H 107 -10.99 17.75 7.80
CA ALA H 107 -11.35 18.21 6.46
C ALA H 107 -12.20 19.48 6.52
N LYS H 108 -13.17 19.53 7.43
CA LYS H 108 -14.04 20.69 7.52
C LYS H 108 -13.25 21.94 7.86
N HIS H 109 -12.38 21.86 8.86
CA HIS H 109 -11.58 23.00 9.25
C HIS H 109 -10.66 23.43 8.12
N ALA H 110 -10.03 22.46 7.44
CA ALA H 110 -9.10 22.79 6.38
C ALA H 110 -9.80 23.49 5.22
N VAL H 111 -10.95 22.96 4.80
CA VAL H 111 -11.65 23.56 3.67
C VAL H 111 -12.20 24.92 4.06
N SER H 112 -12.63 25.09 5.31
CA SER H 112 -13.12 26.38 5.75
C SER H 112 -12.01 27.43 5.71
N GLU H 113 -10.83 27.10 6.23
CA GLU H 113 -9.75 28.07 6.24
C GLU H 113 -9.27 28.36 4.81
N GLY H 114 -9.23 27.34 3.96
CA GLY H 114 -8.83 27.56 2.58
C GLY H 114 -9.80 28.46 1.84
N THR H 115 -11.10 28.23 2.04
CA THR H 115 -12.11 29.07 1.41
C THR H 115 -12.03 30.50 1.93
N LYS H 116 -11.78 30.66 3.23
CA LYS H 116 -11.56 31.99 3.78
C LYS H 116 -10.38 32.67 3.09
N ALA H 117 -9.28 31.94 2.92
CA ALA H 117 -8.10 32.53 2.29
C ALA H 117 -8.38 32.93 0.86
N VAL H 118 -9.05 32.05 0.10
CA VAL H 118 -9.25 32.35 -1.32
C VAL H 118 -10.23 33.51 -1.48
N THR H 119 -11.24 33.61 -0.62
CA THR H 119 -12.16 34.71 -0.77
C THR H 119 -11.53 36.03 -0.33
N LYS H 120 -10.65 36.00 0.68
CA LYS H 120 -9.92 37.22 1.02
C LYS H 120 -8.98 37.63 -0.11
N TYR H 121 -8.37 36.66 -0.78
CA TYR H 121 -7.49 36.97 -1.90
C TYR H 121 -8.26 37.57 -3.06
N THR H 122 -9.38 36.94 -3.45
CA THR H 122 -10.12 37.43 -4.60
C THR H 122 -10.90 38.69 -4.29
N SER H 123 -11.12 38.98 -3.00
CA SER H 123 -11.84 40.19 -2.64
C SER H 123 -11.08 41.44 -3.07
N SER H 124 -9.76 41.43 -2.89
CA SER H 124 -8.93 42.57 -3.29
C SER H 124 -8.39 42.37 -4.70
#